data_3S1Z
#
_entry.id   3S1Z
#
_cell.length_a   81.628
_cell.length_b   85.044
_cell.length_c   103.050
_cell.angle_alpha   90.00
_cell.angle_beta   90.00
_cell.angle_gamma   90.00
#
_symmetry.space_group_name_H-M   'P 21 21 21'
#
loop_
_entity.id
_entity.type
_entity.pdbx_description
1 polymer '3-oxoacyl-[ACP] synthase III'
2 non-polymer ACETAMIDE
3 water water
#
_entity_poly.entity_id   1
_entity_poly.type   'polypeptide(L)'
_entity_poly.pdbx_seq_one_letter_code
;VPRGSHMLFQNVSIAGLAHIDAPHTLTSKEINERLQPTYDRLGIKTDVLGDVAGIHARRLWDQDVQASDAATQAARKALI
DANIGIEKIGLLINTSVSRDYLEPSTASIVSGNLGVSDHCMTFDVANACLAFINGMDIAARMLERGEIDYALVVDGETAN
LVYEKTLERMTSPDVTEEEFRNELAALTLGCGAAAMVMARSELVPDAPRYKGGVTRSATEWNKLCRGNLDRMVTDTRLLL
IEGIKLAQKTFVAAKQVLGWAVEELDQFVIHQVSRPHTAAFVKSFGIDPAKVMTIFGEHGNIGPASVPIVLSKLKELGRL
KKGDRIALLGIGSGLNCSMAEVVW
;
_entity_poly.pdbx_strand_id   A,B
#
# COMPACT_ATOMS: atom_id res chain seq x y z
N VAL A 1 -11.15 29.61 -26.78
CA VAL A 1 -9.93 28.83 -27.02
C VAL A 1 -9.96 27.45 -26.38
N PRO A 2 -9.90 26.40 -27.22
CA PRO A 2 -9.90 25.01 -26.75
C PRO A 2 -8.74 24.75 -25.78
N ARG A 3 -9.05 24.27 -24.58
CA ARG A 3 -8.00 23.91 -23.61
C ARG A 3 -8.11 22.44 -23.19
N GLY A 4 -7.01 21.89 -22.71
CA GLY A 4 -6.99 20.51 -22.25
C GLY A 4 -7.62 20.36 -20.87
N SER A 5 -7.84 19.12 -20.45
CA SER A 5 -8.44 18.84 -19.15
C SER A 5 -7.40 18.87 -18.03
N HIS A 6 -6.14 19.12 -18.39
CA HIS A 6 -5.04 19.13 -17.44
C HIS A 6 -4.94 17.78 -16.74
N MET A 7 -5.53 16.77 -17.36
CA MET A 7 -5.52 15.41 -16.85
C MET A 7 -6.31 15.21 -15.55
N LEU A 8 -7.15 16.19 -15.21
CA LEU A 8 -8.07 16.04 -14.10
C LEU A 8 -9.06 14.93 -14.45
N PHE A 9 -9.65 14.30 -13.44
CA PHE A 9 -10.60 13.22 -13.65
C PHE A 9 -11.94 13.70 -14.18
N GLN A 10 -12.43 12.99 -15.19
CA GLN A 10 -13.74 13.30 -15.75
C GLN A 10 -14.76 12.22 -15.42
N ASN A 11 -15.96 12.66 -15.05
CA ASN A 11 -17.07 11.78 -14.78
C ASN A 11 -16.82 10.80 -13.63
N VAL A 12 -16.14 11.28 -12.61
CA VAL A 12 -15.94 10.51 -11.40
C VAL A 12 -16.62 11.23 -10.24
N SER A 13 -17.47 10.50 -9.53
CA SER A 13 -18.31 11.07 -8.47
C SER A 13 -18.16 10.35 -7.13
N ILE A 14 -18.65 11.00 -6.08
CA ILE A 14 -18.67 10.42 -4.74
C ILE A 14 -20.10 10.04 -4.41
N ALA A 15 -20.38 8.74 -4.44
CA ALA A 15 -21.75 8.26 -4.30
C ALA A 15 -22.14 8.08 -2.84
N GLY A 16 -21.14 7.92 -1.99
CA GLY A 16 -21.40 7.67 -0.59
C GLY A 16 -20.17 7.87 0.26
N LEU A 17 -20.41 8.31 1.49
CA LEU A 17 -19.34 8.67 2.40
C LEU A 17 -19.77 8.34 3.83
N ALA A 18 -18.85 7.84 4.64
CA ALA A 18 -19.18 7.57 6.04
C ALA A 18 -17.96 7.58 6.94
N HIS A 19 -18.16 7.84 8.22
CA HIS A 19 -17.08 7.77 9.21
C HIS A 19 -17.55 7.02 10.45
N ILE A 20 -16.60 6.44 11.19
CA ILE A 20 -16.88 5.83 12.47
C ILE A 20 -16.03 6.51 13.54
N ASP A 21 -16.67 7.00 14.60
CA ASP A 21 -15.96 7.51 15.75
C ASP A 21 -15.71 6.35 16.72
N ALA A 22 -14.46 6.15 17.14
CA ALA A 22 -14.17 5.10 18.12
C ALA A 22 -14.83 5.45 19.47
N PRO A 23 -15.20 4.43 20.27
CA PRO A 23 -16.07 4.58 21.45
C PRO A 23 -15.43 5.11 22.75
N HIS A 24 -14.18 4.75 23.03
CA HIS A 24 -13.61 5.12 24.33
C HIS A 24 -12.83 6.43 24.27
N THR A 25 -13.20 7.38 25.12
CA THR A 25 -12.48 8.65 25.16
C THR A 25 -11.29 8.56 26.11
N LEU A 26 -10.13 8.97 25.63
CA LEU A 26 -8.97 9.16 26.50
C LEU A 26 -8.61 10.65 26.49
N THR A 27 -8.73 11.31 27.64
CA THR A 27 -8.44 12.74 27.70
C THR A 27 -6.94 13.02 27.90
N SER A 28 -6.49 14.17 27.44
CA SER A 28 -5.10 14.57 27.67
C SER A 28 -4.86 14.81 29.16
N LYS A 29 -5.92 15.17 29.87
CA LYS A 29 -5.84 15.31 31.32
C LYS A 29 -5.41 14.00 31.99
N GLU A 30 -6.07 12.89 31.64
CA GLU A 30 -5.68 11.60 32.19
CA GLU A 30 -5.70 11.59 32.16
C GLU A 30 -4.25 11.27 31.80
N ILE A 31 -3.91 11.51 30.52
CA ILE A 31 -2.57 11.18 30.05
C ILE A 31 -1.52 11.97 30.84
N ASN A 32 -1.78 13.27 31.02
CA ASN A 32 -0.85 14.14 31.75
C ASN A 32 -0.68 13.68 33.19
N GLU A 33 -1.78 13.28 33.82
CA GLU A 33 -1.70 12.76 35.17
C GLU A 33 -0.71 11.60 35.21
N ARG A 34 -0.83 10.71 34.23
CA ARG A 34 0.06 9.56 34.16
C ARG A 34 1.50 9.99 33.87
N LEU A 35 1.67 11.00 33.03
CA LEU A 35 3.01 11.46 32.65
C LEU A 35 3.64 12.44 33.66
N GLN A 36 2.85 12.93 34.61
CA GLN A 36 3.31 14.04 35.46
C GLN A 36 4.68 13.81 36.14
N PRO A 37 4.91 12.62 36.72
CA PRO A 37 6.22 12.38 37.32
C PRO A 37 7.39 12.54 36.33
N THR A 38 7.19 12.07 35.10
CA THR A 38 8.20 12.23 34.07
C THR A 38 8.30 13.70 33.64
N TYR A 39 7.16 14.38 33.52
CA TYR A 39 7.19 15.82 33.21
C TYR A 39 8.06 16.52 34.24
N ASP A 40 7.80 16.21 35.51
CA ASP A 40 8.48 16.87 36.61
C ASP A 40 9.98 16.61 36.57
N ARG A 41 10.35 15.37 36.29
CA ARG A 41 11.75 15.01 36.19
C ARG A 41 12.43 15.74 35.03
N LEU A 42 11.71 15.96 33.94
CA LEU A 42 12.27 16.64 32.76
C LEU A 42 12.11 18.17 32.81
N GLY A 43 11.46 18.66 33.86
CA GLY A 43 11.24 20.09 34.02
C GLY A 43 10.23 20.67 33.02
N ILE A 44 9.41 19.81 32.44
CA ILE A 44 8.36 20.26 31.53
C ILE A 44 7.21 20.85 32.34
N LYS A 45 6.90 22.12 32.11
CA LYS A 45 5.92 22.82 32.91
CA LYS A 45 5.90 22.82 32.91
C LYS A 45 4.68 23.26 32.12
N THR A 46 4.77 23.22 30.80
CA THR A 46 3.65 23.52 29.92
CA THR A 46 3.61 23.53 29.98
C THR A 46 2.90 22.23 29.59
N ASP A 47 1.61 22.35 29.30
CA ASP A 47 0.83 21.22 28.81
C ASP A 47 1.12 21.05 27.32
N VAL A 48 2.11 20.23 27.01
CA VAL A 48 2.55 20.09 25.62
C VAL A 48 1.48 19.41 24.76
N LEU A 49 0.54 18.71 25.40
CA LEU A 49 -0.52 18.04 24.65
C LEU A 49 -1.72 18.96 24.42
N GLY A 50 -2.31 19.46 25.50
CA GLY A 50 -3.53 20.25 25.41
C GLY A 50 -3.30 21.67 24.95
N ASP A 51 -2.22 22.29 25.41
CA ASP A 51 -1.95 23.68 25.09
C ASP A 51 -1.06 23.92 23.87
N VAL A 52 0.02 23.15 23.72
CA VAL A 52 0.87 23.34 22.55
CA VAL A 52 0.90 23.31 22.56
C VAL A 52 0.33 22.58 21.34
N ALA A 53 0.23 21.25 21.44
CA ALA A 53 -0.32 20.45 20.34
C ALA A 53 -1.78 20.77 20.08
N GLY A 54 -2.50 21.16 21.13
CA GLY A 54 -3.90 21.51 20.98
C GLY A 54 -4.84 20.31 20.95
N ILE A 55 -4.43 19.21 21.57
CA ILE A 55 -5.29 18.03 21.65
C ILE A 55 -5.80 17.77 23.06
N HIS A 56 -7.11 17.79 23.22
CA HIS A 56 -7.71 17.69 24.54
C HIS A 56 -8.22 16.28 24.80
N ALA A 57 -8.56 15.58 23.73
CA ALA A 57 -9.02 14.19 23.84
C ALA A 57 -8.78 13.43 22.56
N ARG A 58 -8.83 12.10 22.65
CA ARG A 58 -8.83 11.26 21.46
C ARG A 58 -9.65 10.01 21.76
N ARG A 59 -10.03 9.28 20.73
CA ARG A 59 -10.86 8.09 20.87
C ARG A 59 -10.05 6.81 20.61
N LEU A 60 -10.40 5.75 21.34
CA LEU A 60 -9.74 4.45 21.22
C LEU A 60 -10.79 3.33 21.06
N TRP A 61 -10.41 2.25 20.39
CA TRP A 61 -11.25 1.04 20.33
C TRP A 61 -10.99 0.18 21.57
N ASP A 62 -11.60 -1.01 21.61
CA ASP A 62 -11.14 -2.05 22.53
C ASP A 62 -9.86 -2.66 21.97
N GLN A 63 -9.06 -3.26 22.84
CA GLN A 63 -7.76 -3.84 22.47
C GLN A 63 -7.84 -4.83 21.30
N ASP A 64 -9.00 -5.47 21.14
CA ASP A 64 -9.15 -6.58 20.21
C ASP A 64 -9.84 -6.19 18.90
N VAL A 65 -9.93 -4.89 18.63
CA VAL A 65 -10.45 -4.42 17.36
C VAL A 65 -9.34 -4.26 16.33
N GLN A 66 -9.50 -4.89 15.17
CA GLN A 66 -8.45 -4.79 14.16
C GLN A 66 -8.81 -3.71 13.14
N ALA A 67 -7.78 -3.22 12.44
CA ALA A 67 -7.95 -2.24 11.38
C ALA A 67 -9.10 -2.66 10.47
N SER A 68 -9.07 -3.92 10.05
CA SER A 68 -10.09 -4.46 9.14
C SER A 68 -11.51 -4.40 9.71
N ASP A 69 -11.66 -4.57 11.01
CA ASP A 69 -12.98 -4.48 11.64
C ASP A 69 -13.53 -3.07 11.53
N ALA A 70 -12.75 -2.10 11.97
CA ALA A 70 -13.14 -0.70 11.86
C ALA A 70 -13.41 -0.32 10.40
N ALA A 71 -12.53 -0.71 9.49
CA ALA A 71 -12.73 -0.42 8.07
C ALA A 71 -14.04 -1.02 7.57
N THR A 72 -14.37 -2.23 8.02
CA THR A 72 -15.58 -2.90 7.58
C THR A 72 -16.82 -2.13 8.06
N GLN A 73 -16.81 -1.71 9.32
CA GLN A 73 -17.89 -0.90 9.88
C GLN A 73 -18.17 0.35 9.06
N ALA A 74 -17.10 1.04 8.66
CA ALA A 74 -17.24 2.26 7.85
C ALA A 74 -17.78 1.92 6.49
N ALA A 75 -17.27 0.85 5.90
CA ALA A 75 -17.71 0.43 4.58
C ALA A 75 -19.23 0.19 4.53
N ARG A 76 -19.75 -0.56 5.51
CA ARG A 76 -21.17 -0.88 5.52
C ARG A 76 -21.97 0.41 5.62
N LYS A 77 -21.49 1.34 6.44
CA LYS A 77 -22.12 2.66 6.56
C LYS A 77 -22.10 3.43 5.22
N ALA A 78 -21.00 3.35 4.50
CA ALA A 78 -20.86 4.08 3.24
C ALA A 78 -21.76 3.47 2.15
N LEU A 79 -21.85 2.14 2.14
CA LEU A 79 -22.74 1.46 1.21
C LEU A 79 -24.17 1.92 1.42
N ILE A 80 -24.58 2.02 2.69
CA ILE A 80 -25.91 2.53 3.02
C ILE A 80 -26.08 3.97 2.54
N ASP A 81 -25.06 4.79 2.76
CA ASP A 81 -25.11 6.17 2.30
C ASP A 81 -25.23 6.27 0.78
N ALA A 82 -24.67 5.30 0.07
CA ALA A 82 -24.72 5.28 -1.39
C ALA A 82 -25.96 4.55 -1.88
N ASN A 83 -26.71 3.99 -0.94
CA ASN A 83 -27.85 3.14 -1.26
C ASN A 83 -27.53 2.14 -2.37
N ILE A 84 -26.41 1.43 -2.25
CA ILE A 84 -26.11 0.32 -3.15
C ILE A 84 -25.69 -0.91 -2.36
N GLY A 85 -25.80 -2.08 -2.97
CA GLY A 85 -25.38 -3.31 -2.34
C GLY A 85 -23.92 -3.60 -2.66
N ILE A 86 -23.29 -4.43 -1.84
CA ILE A 86 -21.87 -4.75 -2.03
C ILE A 86 -21.61 -5.40 -3.39
N GLU A 87 -22.63 -6.05 -3.96
CA GLU A 87 -22.46 -6.75 -5.22
C GLU A 87 -22.11 -5.80 -6.36
N LYS A 88 -22.33 -4.51 -6.15
CA LYS A 88 -22.04 -3.52 -7.19
C LYS A 88 -20.58 -3.02 -7.17
N ILE A 89 -19.82 -3.42 -6.15
CA ILE A 89 -18.48 -2.89 -5.97
C ILE A 89 -17.47 -3.69 -6.81
N GLY A 90 -16.77 -3.01 -7.71
CA GLY A 90 -15.83 -3.67 -8.59
C GLY A 90 -14.38 -3.50 -8.16
N LEU A 91 -14.16 -2.62 -7.19
CA LEU A 91 -12.81 -2.33 -6.68
C LEU A 91 -12.93 -1.94 -5.22
N LEU A 92 -12.07 -2.51 -4.38
CA LEU A 92 -12.02 -2.08 -2.98
C LEU A 92 -10.56 -1.89 -2.61
N ILE A 93 -10.23 -0.67 -2.18
CA ILE A 93 -8.85 -0.35 -1.79
C ILE A 93 -8.83 0.04 -0.33
N ASN A 94 -7.93 -0.56 0.43
CA ASN A 94 -7.73 -0.20 1.83
C ASN A 94 -6.51 0.72 1.93
N THR A 95 -6.62 1.84 2.64
CA THR A 95 -5.55 2.84 2.60
C THR A 95 -4.94 3.13 3.96
N SER A 96 -5.25 2.31 4.95
CA SER A 96 -4.88 2.63 6.32
C SER A 96 -3.38 2.44 6.56
N VAL A 97 -2.85 3.17 7.53
CA VAL A 97 -1.52 2.91 8.05
C VAL A 97 -1.56 1.63 8.90
N SER A 98 -2.54 1.51 9.78
CA SER A 98 -2.76 0.28 10.57
C SER A 98 -2.99 -0.90 9.64
N ARG A 99 -2.50 -2.07 10.03
CA ARG A 99 -2.52 -3.24 9.15
C ARG A 99 -2.72 -4.53 9.95
N ASP A 100 -3.66 -5.39 9.53
CA ASP A 100 -3.88 -6.66 10.24
C ASP A 100 -2.61 -7.55 10.24
N TYR A 101 -2.15 -7.91 9.05
CA TYR A 101 -1.00 -8.80 8.88
C TYR A 101 -0.10 -8.25 7.77
N LEU A 102 1.09 -8.82 7.61
CA LEU A 102 1.92 -8.50 6.44
C LEU A 102 1.18 -8.94 5.19
N GLU A 103 0.57 -10.12 5.25
CA GLU A 103 -0.34 -10.59 4.20
C GLU A 103 -1.32 -11.57 4.81
N PRO A 104 -2.52 -11.70 4.20
CA PRO A 104 -2.94 -11.02 2.98
C PRO A 104 -3.23 -9.56 3.26
N SER A 105 -3.67 -8.85 2.24
CA SER A 105 -4.04 -7.45 2.40
C SER A 105 -5.18 -7.27 3.39
N THR A 106 -5.21 -6.12 4.04
CA THR A 106 -6.32 -5.76 4.88
C THR A 106 -7.56 -5.63 4.01
N ALA A 107 -7.37 -5.17 2.77
CA ALA A 107 -8.48 -5.05 1.82
C ALA A 107 -9.18 -6.39 1.59
N SER A 108 -8.40 -7.47 1.50
CA SER A 108 -8.96 -8.80 1.28
CA SER A 108 -8.99 -8.78 1.26
C SER A 108 -9.86 -9.21 2.45
N ILE A 109 -9.43 -8.81 3.64
CA ILE A 109 -10.14 -9.20 4.88
C ILE A 109 -11.45 -8.43 4.95
N VAL A 110 -11.37 -7.12 4.73
CA VAL A 110 -12.58 -6.31 4.61
C VAL A 110 -13.52 -6.84 3.54
N SER A 111 -13.00 -7.12 2.34
CA SER A 111 -13.82 -7.63 1.22
CA SER A 111 -13.86 -7.59 1.27
C SER A 111 -14.50 -8.94 1.59
N GLY A 112 -13.79 -9.78 2.34
CA GLY A 112 -14.33 -11.05 2.78
C GLY A 112 -15.49 -10.82 3.73
N ASN A 113 -15.25 -9.95 4.71
CA ASN A 113 -16.27 -9.55 5.68
C ASN A 113 -17.54 -9.06 4.99
N LEU A 114 -17.36 -8.22 3.96
CA LEU A 114 -18.50 -7.60 3.29
C LEU A 114 -19.21 -8.50 2.27
N GLY A 115 -18.51 -9.53 1.79
CA GLY A 115 -19.06 -10.42 0.78
C GLY A 115 -19.01 -9.88 -0.65
N VAL A 116 -17.88 -9.29 -1.05
CA VAL A 116 -17.75 -8.81 -2.43
C VAL A 116 -17.81 -9.96 -3.42
N SER A 117 -18.19 -9.65 -4.66
CA SER A 117 -18.29 -10.65 -5.71
C SER A 117 -16.92 -11.10 -6.20
N ASP A 118 -16.89 -12.15 -7.02
CA ASP A 118 -15.64 -12.68 -7.52
C ASP A 118 -14.99 -11.79 -8.59
N HIS A 119 -15.69 -10.72 -8.98
CA HIS A 119 -15.18 -9.76 -9.95
C HIS A 119 -14.46 -8.59 -9.27
N CYS A 120 -14.57 -8.52 -7.95
CA CYS A 120 -14.03 -7.39 -7.21
C CYS A 120 -12.50 -7.42 -7.12
N MET A 121 -11.85 -6.40 -7.67
CA MET A 121 -10.40 -6.24 -7.51
C MET A 121 -10.09 -5.64 -6.13
N THR A 122 -9.11 -6.18 -5.42
CA THR A 122 -8.78 -5.65 -4.09
C THR A 122 -7.27 -5.58 -3.82
N PHE A 123 -6.85 -4.58 -3.04
CA PHE A 123 -5.46 -4.44 -2.61
C PHE A 123 -5.32 -3.30 -1.61
N ASP A 124 -4.18 -3.25 -0.92
CA ASP A 124 -3.89 -2.15 0.01
C ASP A 124 -3.01 -1.14 -0.67
N VAL A 125 -3.15 0.13 -0.26
CA VAL A 125 -2.22 1.18 -0.64
C VAL A 125 -1.71 1.78 0.66
N ALA A 126 -0.38 1.92 0.76
CA ALA A 126 0.22 2.53 1.94
C ALA A 126 1.03 3.76 1.53
N ASN A 127 0.67 4.90 2.10
CA ASN A 127 1.38 6.16 1.83
C ASN A 127 1.16 7.13 2.99
N ALA A 128 1.31 6.62 4.21
CA ALA A 128 1.15 7.44 5.41
C ALA A 128 -0.21 8.12 5.38
N CYS A 129 -0.30 9.38 5.77
CA CYS A 129 -1.63 9.95 5.92
C CYS A 129 -2.23 10.51 4.62
N LEU A 130 -1.58 10.32 3.48
CA LEU A 130 -2.17 10.76 2.21
C LEU A 130 -2.82 9.63 1.41
N ALA A 131 -2.73 8.40 1.92
CA ALA A 131 -3.12 7.23 1.13
C ALA A 131 -4.60 7.20 0.72
N PHE A 132 -5.49 7.82 1.49
CA PHE A 132 -6.91 7.79 1.11
C PHE A 132 -7.08 8.54 -0.21
N ILE A 133 -6.35 9.64 -0.35
CA ILE A 133 -6.38 10.40 -1.57
C ILE A 133 -5.79 9.59 -2.74
N ASN A 134 -4.68 8.89 -2.49
CA ASN A 134 -4.10 8.00 -3.51
C ASN A 134 -5.11 6.93 -3.95
N GLY A 135 -5.83 6.37 -2.98
CA GLY A 135 -6.79 5.32 -3.30
C GLY A 135 -7.93 5.89 -4.12
N MET A 136 -8.37 7.10 -3.77
CA MET A 136 -9.38 7.80 -4.56
C MET A 136 -8.90 7.97 -5.99
N ASP A 137 -7.64 8.36 -6.18
CA ASP A 137 -7.10 8.60 -7.52
C ASP A 137 -7.00 7.31 -8.33
N ILE A 138 -6.57 6.25 -7.67
CA ILE A 138 -6.48 4.95 -8.33
C ILE A 138 -7.86 4.48 -8.77
N ALA A 139 -8.84 4.61 -7.88
CA ALA A 139 -10.22 4.25 -8.20
C ALA A 139 -10.74 5.14 -9.33
N ALA A 140 -10.46 6.44 -9.25
CA ALA A 140 -10.91 7.39 -10.27
C ALA A 140 -10.45 7.03 -11.69
N ARG A 141 -9.22 6.56 -11.83
CA ARG A 141 -8.69 6.25 -13.15
C ARG A 141 -9.44 5.08 -13.76
N MET A 142 -9.85 4.13 -12.94
CA MET A 142 -10.63 2.99 -13.44
C MET A 142 -12.07 3.40 -13.75
N LEU A 143 -12.65 4.23 -12.89
CA LEU A 143 -14.02 4.68 -13.09
C LEU A 143 -14.13 5.53 -14.35
N GLU A 144 -13.21 6.48 -14.50
CA GLU A 144 -13.17 7.35 -15.67
C GLU A 144 -13.11 6.52 -16.95
N ARG A 145 -12.25 5.52 -16.92
N ARG A 145 -12.24 5.52 -16.95
CA ARG A 145 -11.99 4.62 -18.05
CA ARG A 145 -12.03 4.67 -18.12
C ARG A 145 -13.18 3.72 -18.35
C ARG A 145 -13.26 3.83 -18.42
N GLY A 146 -14.11 3.64 -17.41
CA GLY A 146 -15.32 2.84 -17.57
C GLY A 146 -15.12 1.36 -17.23
N GLU A 147 -14.02 1.03 -16.57
CA GLU A 147 -13.69 -0.35 -16.21
C GLU A 147 -14.60 -0.91 -15.13
N ILE A 148 -15.01 -0.05 -14.21
CA ILE A 148 -15.90 -0.44 -13.14
C ILE A 148 -16.99 0.61 -13.01
N ASP A 149 -18.06 0.28 -12.30
CA ASP A 149 -19.14 1.22 -12.03
C ASP A 149 -19.00 1.87 -10.65
N TYR A 150 -18.56 1.07 -9.66
CA TYR A 150 -18.43 1.54 -8.29
C TYR A 150 -17.14 1.02 -7.64
N ALA A 151 -16.59 1.83 -6.74
CA ALA A 151 -15.42 1.43 -5.96
C ALA A 151 -15.63 1.79 -4.50
N LEU A 152 -15.04 0.99 -3.61
CA LEU A 152 -14.95 1.35 -2.20
C LEU A 152 -13.50 1.72 -1.85
N VAL A 153 -13.32 2.85 -1.17
CA VAL A 153 -12.04 3.15 -0.54
C VAL A 153 -12.28 3.13 0.97
N VAL A 154 -11.50 2.34 1.70
CA VAL A 154 -11.78 2.14 3.13
C VAL A 154 -10.52 2.33 3.96
N ASP A 155 -10.70 2.68 5.23
CA ASP A 155 -9.57 3.03 6.06
C ASP A 155 -9.96 2.99 7.54
N GLY A 156 -9.35 2.05 8.27
CA GLY A 156 -9.56 1.90 9.70
C GLY A 156 -8.24 2.03 10.43
N GLU A 157 -8.19 2.91 11.44
CA GLU A 157 -6.96 3.13 12.18
C GLU A 157 -7.12 2.74 13.64
N THR A 158 -6.19 1.94 14.12
CA THR A 158 -6.14 1.49 15.51
CA THR A 158 -6.16 1.53 15.52
C THR A 158 -4.88 2.03 16.16
N ALA A 159 -5.03 2.88 17.18
CA ALA A 159 -3.87 3.49 17.82
C ALA A 159 -3.69 2.95 19.24
N ASN A 160 -4.49 1.96 19.60
CA ASN A 160 -4.45 1.41 20.95
C ASN A 160 -3.07 0.97 21.37
N LEU A 161 -2.43 0.17 20.54
CA LEU A 161 -1.15 -0.40 20.89
C LEU A 161 -0.09 0.67 21.05
N VAL A 162 -0.07 1.64 20.14
CA VAL A 162 0.95 2.68 20.23
C VAL A 162 0.77 3.51 21.51
N TYR A 163 -0.48 3.74 21.91
CA TYR A 163 -0.74 4.46 23.16
C TYR A 163 -0.23 3.68 24.35
N GLU A 164 -0.61 2.40 24.38
CA GLU A 164 -0.25 1.50 25.46
C GLU A 164 1.26 1.44 25.68
N LYS A 165 1.99 1.18 24.61
CA LYS A 165 3.43 0.96 24.69
C LYS A 165 4.19 2.26 24.83
N THR A 166 3.69 3.34 24.21
CA THR A 166 4.33 4.64 24.33
C THR A 166 4.20 5.19 25.74
N LEU A 167 3.01 5.07 26.31
CA LEU A 167 2.79 5.55 27.67
C LEU A 167 3.70 4.78 28.64
N GLU A 168 3.89 3.48 28.39
CA GLU A 168 4.82 2.70 29.21
C GLU A 168 6.24 3.22 29.06
N ARG A 169 6.70 3.44 27.82
CA ARG A 169 8.06 3.91 27.63
C ARG A 169 8.26 5.32 28.19
N MET A 170 7.30 6.22 27.95
CA MET A 170 7.43 7.60 28.40
C MET A 170 7.31 7.79 29.91
N THR A 171 6.91 6.75 30.63
CA THR A 171 6.84 6.83 32.10
C THR A 171 7.96 6.03 32.77
N SER A 172 8.93 5.58 31.99
CA SER A 172 10.08 4.91 32.60
C SER A 172 10.93 5.91 33.39
N PRO A 173 11.34 5.53 34.61
CA PRO A 173 12.22 6.43 35.38
C PRO A 173 13.51 6.69 34.61
N ASP A 174 13.76 5.87 33.60
CA ASP A 174 15.00 5.96 32.84
C ASP A 174 14.83 6.68 31.49
N VAL A 175 13.61 7.08 31.15
CA VAL A 175 13.41 7.65 29.81
C VAL A 175 14.17 8.97 29.64
N THR A 176 14.86 9.11 28.53
CA THR A 176 15.61 10.33 28.25
C THR A 176 14.72 11.41 27.64
N GLU A 177 15.17 12.65 27.79
CA GLU A 177 14.51 13.80 27.20
C GLU A 177 14.34 13.59 25.69
N GLU A 178 15.37 13.04 25.07
CA GLU A 178 15.39 12.88 23.63
C GLU A 178 14.35 11.86 23.20
N GLU A 179 14.29 10.72 23.88
CA GLU A 179 13.30 9.72 23.51
C GLU A 179 11.88 10.19 23.84
N PHE A 180 11.73 10.92 24.94
CA PHE A 180 10.43 11.47 25.31
C PHE A 180 9.91 12.38 24.20
N ARG A 181 10.76 13.28 23.75
CA ARG A 181 10.42 14.20 22.66
C ARG A 181 10.16 13.44 21.36
N ASN A 182 10.99 12.44 21.07
CA ASN A 182 10.84 11.63 19.86
C ASN A 182 9.48 10.96 19.77
N GLU A 183 8.95 10.52 20.90
CA GLU A 183 7.74 9.71 20.92
C GLU A 183 6.48 10.49 21.27
N LEU A 184 6.65 11.74 21.71
CA LEU A 184 5.52 12.55 22.17
C LEU A 184 4.35 12.63 21.16
N ALA A 185 4.64 12.79 19.88
CA ALA A 185 3.58 12.96 18.89
C ALA A 185 2.69 11.74 18.80
N ALA A 186 3.20 10.59 19.23
CA ALA A 186 2.36 9.40 19.21
C ALA A 186 1.13 9.62 20.08
N LEU A 187 1.29 10.43 21.13
CA LEU A 187 0.19 10.69 22.05
C LEU A 187 -0.78 11.74 21.49
N THR A 188 -0.65 12.07 20.20
CA THR A 188 -1.63 12.91 19.54
C THR A 188 -2.42 12.12 18.49
N LEU A 189 -2.19 10.82 18.44
CA LEU A 189 -2.89 10.02 17.43
C LEU A 189 -4.29 9.67 17.91
N GLY A 190 -5.16 9.25 17.00
CA GLY A 190 -6.50 8.83 17.37
C GLY A 190 -6.98 7.65 16.55
N CYS A 191 -7.96 6.92 17.08
CA CYS A 191 -8.61 5.84 16.34
C CYS A 191 -9.84 6.38 15.63
N GLY A 192 -10.21 5.73 14.53
CA GLY A 192 -11.39 6.15 13.79
C GLY A 192 -11.39 5.41 12.47
N ALA A 193 -12.46 5.54 11.70
CA ALA A 193 -12.52 4.89 10.41
C ALA A 193 -13.34 5.71 9.42
N ALA A 194 -13.06 5.53 8.13
CA ALA A 194 -13.82 6.20 7.08
C ALA A 194 -13.93 5.27 5.88
N ALA A 195 -14.95 5.49 5.08
CA ALA A 195 -15.09 4.77 3.83
C ALA A 195 -15.81 5.66 2.83
N MET A 196 -15.50 5.46 1.55
CA MET A 196 -16.13 6.21 0.49
C MET A 196 -16.51 5.29 -0.66
N VAL A 197 -17.73 5.45 -1.19
CA VAL A 197 -18.10 4.77 -2.42
C VAL A 197 -17.97 5.77 -3.55
N MET A 198 -17.16 5.45 -4.56
CA MET A 198 -17.02 6.30 -5.73
C MET A 198 -17.71 5.63 -6.90
N ALA A 199 -18.15 6.42 -7.86
CA ALA A 199 -18.93 5.88 -8.97
C ALA A 199 -18.76 6.73 -10.22
N ARG A 200 -19.01 6.10 -11.37
CA ARG A 200 -19.13 6.83 -12.63
C ARG A 200 -20.29 7.81 -12.50
N SER A 201 -20.06 9.07 -12.86
CA SER A 201 -21.06 10.12 -12.66
C SER A 201 -22.42 9.82 -13.29
N GLU A 202 -22.41 9.06 -14.38
CA GLU A 202 -23.64 8.67 -15.07
C GLU A 202 -24.64 8.01 -14.12
N LEU A 203 -24.11 7.27 -13.16
CA LEU A 203 -24.95 6.49 -12.27
C LEU A 203 -25.53 7.35 -11.14
N VAL A 204 -24.87 8.46 -10.84
CA VAL A 204 -25.25 9.32 -9.72
C VAL A 204 -25.12 10.79 -10.09
N PRO A 205 -26.01 11.26 -10.96
CA PRO A 205 -25.97 12.59 -11.59
C PRO A 205 -25.89 13.75 -10.62
N ASP A 206 -26.51 13.65 -9.44
CA ASP A 206 -26.51 14.78 -8.50
CA ASP A 206 -26.49 14.78 -8.51
C ASP A 206 -25.44 14.64 -7.41
N ALA A 207 -24.61 13.60 -7.48
CA ALA A 207 -23.57 13.39 -6.48
C ALA A 207 -22.37 14.34 -6.68
N PRO A 208 -21.61 14.62 -5.61
CA PRO A 208 -20.37 15.40 -5.73
C PRO A 208 -19.41 14.81 -6.77
N ARG A 209 -18.66 15.68 -7.46
CA ARG A 209 -17.66 15.25 -8.43
C ARG A 209 -16.28 15.29 -7.81
N TYR A 210 -15.45 14.30 -8.13
CA TYR A 210 -14.03 14.32 -7.74
C TYR A 210 -13.15 14.59 -8.95
N LYS A 211 -12.38 15.67 -8.91
CA LYS A 211 -11.57 16.08 -10.05
C LYS A 211 -10.14 15.58 -9.97
N GLY A 212 -9.72 15.14 -8.79
CA GLY A 212 -8.32 14.82 -8.59
C GLY A 212 -7.54 16.11 -8.43
N GLY A 213 -6.24 16.07 -8.71
CA GLY A 213 -5.41 17.24 -8.48
C GLY A 213 -3.93 16.98 -8.68
N VAL A 214 -3.11 17.47 -7.75
CA VAL A 214 -1.66 17.46 -7.95
C VAL A 214 -0.90 16.92 -6.74
N THR A 215 0.33 16.47 -6.98
CA THR A 215 1.20 15.98 -5.92
CA THR A 215 1.20 15.99 -5.92
C THR A 215 2.63 16.49 -6.12
N ARG A 216 3.29 16.81 -5.03
CA ARG A 216 4.73 17.07 -5.08
C ARG A 216 5.38 16.31 -3.94
N SER A 217 6.66 16.03 -4.07
CA SER A 217 7.33 15.25 -3.05
C SER A 217 8.65 15.87 -2.60
N ALA A 218 9.07 15.46 -1.41
CA ALA A 218 10.40 15.77 -0.90
C ALA A 218 10.88 14.53 -0.15
N THR A 219 11.20 13.48 -0.90
CA THR A 219 11.52 12.18 -0.30
C THR A 219 12.88 12.16 0.40
N GLU A 220 13.65 13.24 0.28
CA GLU A 220 14.87 13.33 1.07
C GLU A 220 14.53 13.51 2.56
N TRP A 221 13.25 13.74 2.85
CA TRP A 221 12.77 13.91 4.23
C TRP A 221 12.01 12.69 4.75
N ASN A 222 12.28 11.53 4.17
CA ASN A 222 11.52 10.33 4.54
C ASN A 222 11.75 9.82 5.96
N LYS A 223 12.78 10.32 6.64
CA LYS A 223 13.05 9.92 8.02
C LYS A 223 12.30 10.75 9.08
N LEU A 224 11.62 11.82 8.67
CA LEU A 224 11.01 12.73 9.66
C LEU A 224 9.98 12.06 10.59
N CYS A 225 9.14 11.18 10.05
CA CYS A 225 8.19 10.45 10.88
C CYS A 225 8.19 8.97 10.55
N ARG A 226 8.59 8.15 11.52
CA ARG A 226 8.63 6.70 11.32
C ARG A 226 7.80 5.95 12.35
N GLY A 227 6.92 5.08 11.88
CA GLY A 227 5.98 4.42 12.77
C GLY A 227 5.80 2.94 12.50
N ASN A 228 5.75 2.16 13.58
CA ASN A 228 5.34 0.77 13.52
CA ASN A 228 5.33 0.77 13.50
C ASN A 228 4.08 0.57 14.34
N LEU A 229 3.66 -0.67 14.52
CA LEU A 229 2.44 -0.97 15.23
C LEU A 229 2.47 -0.45 16.66
N ASP A 230 3.64 -0.46 17.30
CA ASP A 230 3.70 -0.02 18.69
C ASP A 230 4.55 1.22 19.02
N ARG A 231 5.08 1.91 18.01
CA ARG A 231 5.98 3.04 18.27
CA ARG A 231 5.96 3.05 18.27
C ARG A 231 6.01 4.00 17.07
N MET A 232 5.96 5.29 17.35
CA MET A 232 6.10 6.31 16.32
C MET A 232 7.09 7.37 16.78
N VAL A 233 8.08 7.64 15.94
CA VAL A 233 9.11 8.63 16.26
C VAL A 233 8.99 9.75 15.24
N THR A 234 8.99 10.99 15.73
CA THR A 234 8.67 12.13 14.89
C THR A 234 9.60 13.30 15.21
N ASP A 235 10.16 13.93 14.18
CA ASP A 235 10.83 15.22 14.35
C ASP A 235 9.81 16.32 14.04
N THR A 236 9.07 16.75 15.06
CA THR A 236 7.95 17.66 14.85
C THR A 236 8.36 18.99 14.23
N ARG A 237 9.50 19.53 14.68
CA ARG A 237 10.00 20.80 14.17
C ARG A 237 10.22 20.77 12.65
N LEU A 238 10.97 19.78 12.18
CA LEU A 238 11.31 19.71 10.76
C LEU A 238 10.11 19.26 9.94
N LEU A 239 9.29 18.39 10.52
CA LEU A 239 8.05 17.98 9.87
C LEU A 239 7.22 19.21 9.52
N LEU A 240 7.12 20.13 10.47
CA LEU A 240 6.35 21.36 10.27
C LEU A 240 6.96 22.24 9.20
N ILE A 241 8.25 22.53 9.34
CA ILE A 241 8.94 23.43 8.43
C ILE A 241 9.02 22.88 7.01
N GLU A 242 9.53 21.66 6.89
CA GLU A 242 9.67 21.05 5.56
C GLU A 242 8.30 20.76 4.94
N GLY A 243 7.31 20.49 5.77
CA GLY A 243 5.95 20.30 5.29
C GLY A 243 5.40 21.54 4.61
N ILE A 244 5.55 22.69 5.26
CA ILE A 244 5.08 23.96 4.70
C ILE A 244 5.84 24.33 3.42
N LYS A 245 7.16 24.10 3.41
CA LYS A 245 7.95 24.32 2.21
C LYS A 245 7.41 23.50 1.04
N LEU A 246 7.12 22.23 1.30
CA LEU A 246 6.61 21.36 0.24
C LEU A 246 5.21 21.79 -0.22
N ALA A 247 4.37 22.20 0.73
CA ALA A 247 3.00 22.61 0.39
C ALA A 247 3.02 23.85 -0.52
N GLN A 248 3.98 24.75 -0.31
CA GLN A 248 4.06 25.96 -1.13
C GLN A 248 4.32 25.57 -2.58
N LYS A 249 5.22 24.61 -2.74
CA LYS A 249 5.53 24.06 -4.05
C LYS A 249 4.29 23.40 -4.66
N THR A 250 3.54 22.68 -3.85
CA THR A 250 2.36 22.00 -4.38
C THR A 250 1.28 23.00 -4.79
N PHE A 251 1.12 24.07 -3.99
CA PHE A 251 0.10 25.07 -4.25
C PHE A 251 0.35 25.78 -5.58
N VAL A 252 1.62 26.02 -5.89
CA VAL A 252 1.97 26.57 -7.19
C VAL A 252 1.44 25.68 -8.33
N ALA A 253 1.69 24.38 -8.22
CA ALA A 253 1.14 23.43 -9.19
C ALA A 253 -0.38 23.41 -9.19
N ALA A 254 -1.00 23.52 -8.01
CA ALA A 254 -2.45 23.52 -7.90
C ALA A 254 -3.03 24.71 -8.67
N LYS A 255 -2.42 25.86 -8.49
CA LYS A 255 -2.86 27.06 -9.20
C LYS A 255 -2.83 26.84 -10.70
N GLN A 256 -1.80 26.15 -11.18
CA GLN A 256 -1.62 25.91 -12.60
CA GLN A 256 -1.63 25.91 -12.61
C GLN A 256 -2.62 24.89 -13.15
N VAL A 257 -2.75 23.74 -12.48
CA VAL A 257 -3.62 22.72 -13.05
C VAL A 257 -5.06 22.77 -12.57
N LEU A 258 -5.29 23.20 -11.34
CA LEU A 258 -6.64 23.27 -10.80
C LEU A 258 -7.24 24.67 -10.92
N GLY A 259 -6.40 25.67 -11.20
CA GLY A 259 -6.87 27.04 -11.28
C GLY A 259 -7.16 27.62 -9.90
N TRP A 260 -6.64 26.97 -8.87
CA TRP A 260 -6.93 27.40 -7.50
C TRP A 260 -6.46 28.81 -7.18
N ALA A 261 -7.33 29.55 -6.50
CA ALA A 261 -6.96 30.74 -5.74
C ALA A 261 -7.74 30.61 -4.44
N VAL A 262 -7.09 30.85 -3.30
CA VAL A 262 -7.67 30.49 -1.99
C VAL A 262 -9.02 31.12 -1.68
N GLU A 263 -9.25 32.33 -2.16
CA GLU A 263 -10.49 33.02 -1.86
C GLU A 263 -11.67 32.38 -2.58
N GLU A 264 -11.38 31.58 -3.59
CA GLU A 264 -12.44 30.98 -4.42
C GLU A 264 -12.85 29.57 -3.98
N LEU A 265 -12.10 28.99 -3.05
CA LEU A 265 -12.48 27.70 -2.48
C LEU A 265 -13.41 27.93 -1.30
N ASP A 266 -14.39 27.04 -1.12
CA ASP A 266 -15.35 27.17 -0.03
C ASP A 266 -14.99 26.41 1.25
N GLN A 267 -14.27 25.30 1.11
CA GLN A 267 -13.81 24.52 2.27
C GLN A 267 -12.40 24.02 2.01
N PHE A 268 -11.59 24.03 3.07
CA PHE A 268 -10.31 23.32 3.04
C PHE A 268 -10.35 22.16 4.02
N VAL A 269 -10.31 20.96 3.48
CA VAL A 269 -10.25 19.75 4.28
C VAL A 269 -8.80 19.30 4.31
N ILE A 270 -8.15 19.52 5.43
CA ILE A 270 -6.69 19.38 5.47
C ILE A 270 -6.26 18.28 6.44
N HIS A 271 -5.01 17.84 6.28
CA HIS A 271 -4.37 16.91 7.21
C HIS A 271 -4.55 17.38 8.64
N GLN A 272 -4.87 16.44 9.53
CA GLN A 272 -5.17 16.78 10.91
C GLN A 272 -3.98 16.33 11.78
N VAL A 273 -3.04 17.22 11.98
CA VAL A 273 -1.78 16.86 12.60
C VAL A 273 -1.55 17.51 13.98
N SER A 274 -1.90 18.79 14.10
CA SER A 274 -1.78 19.50 15.36
C SER A 274 -2.24 20.94 15.15
N ARG A 275 -2.55 21.63 16.24
CA ARG A 275 -2.90 23.03 16.15
C ARG A 275 -1.79 23.87 15.47
N PRO A 276 -0.53 23.73 15.91
CA PRO A 276 0.55 24.47 15.25
C PRO A 276 0.71 24.18 13.75
N HIS A 277 0.56 22.93 13.33
CA HIS A 277 0.59 22.58 11.91
C HIS A 277 -0.52 23.33 11.17
N THR A 278 -1.72 23.27 11.72
CA THR A 278 -2.89 23.89 11.10
C THR A 278 -2.72 25.41 11.02
N ALA A 279 -2.32 25.99 12.14
CA ALA A 279 -2.11 27.44 12.22
C ALA A 279 -1.09 27.88 11.17
N ALA A 280 0.02 27.15 11.07
CA ALA A 280 1.07 27.48 10.11
C ALA A 280 0.56 27.36 8.68
N PHE A 281 -0.19 26.30 8.41
CA PHE A 281 -0.68 26.10 7.06
C PHE A 281 -1.62 27.23 6.66
N VAL A 282 -2.58 27.52 7.52
CA VAL A 282 -3.57 28.56 7.28
C VAL A 282 -2.92 29.94 7.11
N LYS A 283 -1.94 30.23 7.96
CA LYS A 283 -1.21 31.48 7.89
C LYS A 283 -0.33 31.58 6.62
N SER A 284 0.33 30.49 6.25
CA SER A 284 1.24 30.49 5.11
CA SER A 284 1.23 30.48 5.11
C SER A 284 0.51 30.84 3.81
N PHE A 285 -0.70 30.33 3.66
CA PHE A 285 -1.44 30.49 2.42
C PHE A 285 -2.57 31.51 2.51
N GLY A 286 -2.62 32.23 3.61
CA GLY A 286 -3.66 33.23 3.81
C GLY A 286 -5.06 32.66 3.69
N ILE A 287 -5.28 31.50 4.30
CA ILE A 287 -6.59 30.86 4.26
C ILE A 287 -7.50 31.39 5.37
N ASP A 288 -8.78 31.57 5.05
CA ASP A 288 -9.76 31.96 6.05
C ASP A 288 -10.03 30.77 6.99
N PRO A 289 -9.67 30.90 8.28
CA PRO A 289 -9.77 29.78 9.22
C PRO A 289 -11.21 29.27 9.35
N ALA A 290 -12.19 30.10 8.97
CA ALA A 290 -13.58 29.69 9.05
C ALA A 290 -13.88 28.57 8.05
N LYS A 291 -13.03 28.45 7.04
CA LYS A 291 -13.21 27.44 6.00
C LYS A 291 -12.44 26.15 6.29
N VAL A 292 -11.90 26.02 7.51
CA VAL A 292 -11.01 24.88 7.81
C VAL A 292 -11.47 24.13 9.05
N MET A 293 -12.31 23.12 8.86
CA MET A 293 -12.81 22.38 10.00
C MET A 293 -11.73 21.50 10.61
N THR A 294 -11.65 21.49 11.93
N THR A 294 -11.67 21.47 11.94
CA THR A 294 -10.69 20.63 12.59
CA THR A 294 -10.67 20.66 12.63
C THR A 294 -11.38 19.67 13.55
C THR A 294 -11.32 19.71 13.62
N ILE A 295 -10.79 18.49 13.71
CA ILE A 295 -11.32 17.50 14.64
C ILE A 295 -10.21 16.98 15.57
N PHE A 296 -8.98 17.44 15.37
N PHE A 296 -9.00 17.48 15.34
CA PHE A 296 -7.88 16.92 16.20
CA PHE A 296 -7.82 17.11 16.11
C PHE A 296 -7.99 17.29 17.68
C PHE A 296 -8.05 17.27 17.62
N GLY A 297 -8.74 18.35 17.99
CA GLY A 297 -8.97 18.72 19.37
C GLY A 297 -9.60 17.63 20.24
N GLU A 298 -10.53 16.88 19.66
CA GLU A 298 -11.23 15.84 20.40
C GLU A 298 -11.02 14.43 19.81
N HIS A 299 -10.37 14.35 18.66
CA HIS A 299 -10.13 13.05 18.04
C HIS A 299 -8.67 12.77 17.75
N GLY A 300 -7.82 13.79 17.87
CA GLY A 300 -6.43 13.66 17.49
C GLY A 300 -6.24 13.40 15.98
N ASN A 301 -5.03 12.96 15.63
CA ASN A 301 -4.62 12.73 14.25
C ASN A 301 -4.99 11.31 13.85
N ILE A 302 -5.94 11.17 12.92
CA ILE A 302 -6.40 9.84 12.54
C ILE A 302 -5.70 9.34 11.24
N GLY A 303 -4.48 9.81 11.01
CA GLY A 303 -3.70 9.36 9.86
C GLY A 303 -4.46 9.57 8.56
N PRO A 304 -4.35 8.61 7.62
CA PRO A 304 -4.97 8.79 6.30
C PRO A 304 -6.49 8.83 6.34
N ALA A 305 -7.10 8.44 7.45
CA ALA A 305 -8.56 8.53 7.58
C ALA A 305 -9.03 9.94 7.94
N SER A 306 -8.10 10.79 8.39
CA SER A 306 -8.46 12.13 8.86
C SER A 306 -9.28 12.91 7.82
N VAL A 307 -8.76 13.01 6.60
CA VAL A 307 -9.40 13.83 5.56
C VAL A 307 -10.84 13.41 5.24
N PRO A 308 -11.06 12.12 4.88
CA PRO A 308 -12.43 11.65 4.65
C PRO A 308 -13.32 11.74 5.91
N ILE A 309 -12.76 11.53 7.09
CA ILE A 309 -13.58 11.71 8.30
C ILE A 309 -14.06 13.16 8.40
N VAL A 310 -13.16 14.12 8.17
CA VAL A 310 -13.56 15.52 8.21
C VAL A 310 -14.61 15.82 7.12
N LEU A 311 -14.40 15.30 5.92
CA LEU A 311 -15.38 15.48 4.85
C LEU A 311 -16.75 14.90 5.22
N SER A 312 -16.75 13.68 5.76
CA SER A 312 -17.99 13.03 6.14
C SER A 312 -18.71 13.82 7.24
N LYS A 313 -17.92 14.35 8.18
CA LYS A 313 -18.49 15.15 9.27
C LYS A 313 -19.05 16.49 8.75
N LEU A 314 -18.37 17.08 7.77
CA LEU A 314 -18.90 18.28 7.11
C LEU A 314 -20.23 17.97 6.45
N LYS A 315 -20.32 16.83 5.78
CA LYS A 315 -21.57 16.40 5.17
C LYS A 315 -22.68 16.24 6.20
N GLU A 316 -22.41 15.49 7.27
CA GLU A 316 -23.42 15.21 8.25
CA GLU A 316 -23.40 15.21 8.29
C GLU A 316 -23.90 16.49 8.95
N LEU A 317 -23.02 17.49 9.03
CA LEU A 317 -23.33 18.76 9.68
C LEU A 317 -24.12 19.73 8.79
N GLY A 318 -24.29 19.38 7.51
CA GLY A 318 -24.97 20.26 6.58
C GLY A 318 -24.15 21.48 6.20
N ARG A 319 -22.82 21.41 6.36
CA ARG A 319 -21.93 22.49 5.97
C ARG A 319 -21.73 22.62 4.47
N LEU A 320 -22.02 21.55 3.72
CA LEU A 320 -21.73 21.51 2.29
C LEU A 320 -22.99 21.65 1.44
N LYS A 321 -22.92 22.51 0.44
CA LYS A 321 -24.02 22.75 -0.46
C LYS A 321 -23.58 22.57 -1.90
N LYS A 322 -24.54 22.27 -2.78
CA LYS A 322 -24.27 22.04 -4.17
C LYS A 322 -23.47 23.21 -4.74
N GLY A 323 -22.39 22.91 -5.47
CA GLY A 323 -21.59 23.94 -6.08
C GLY A 323 -20.36 24.32 -5.24
N ASP A 324 -20.37 23.97 -3.96
CA ASP A 324 -19.22 24.29 -3.10
C ASP A 324 -17.96 23.67 -3.67
N ARG A 325 -16.89 24.46 -3.72
CA ARG A 325 -15.61 23.95 -4.18
C ARG A 325 -14.78 23.54 -2.98
N ILE A 326 -14.49 22.25 -2.88
CA ILE A 326 -13.80 21.72 -1.71
C ILE A 326 -12.37 21.27 -2.01
N ALA A 327 -11.42 21.88 -1.29
CA ALA A 327 -10.02 21.51 -1.41
C ALA A 327 -9.74 20.37 -0.45
N LEU A 328 -9.25 19.25 -0.97
CA LEU A 328 -8.76 18.17 -0.13
C LEU A 328 -7.26 18.22 -0.20
N LEU A 329 -6.60 18.38 0.94
CA LEU A 329 -5.16 18.40 0.89
C LEU A 329 -4.51 17.90 2.16
N GLY A 330 -3.24 17.55 2.04
CA GLY A 330 -2.52 17.02 3.17
C GLY A 330 -1.04 17.00 2.90
N ILE A 331 -0.28 17.07 3.98
CA ILE A 331 1.12 16.75 3.97
C ILE A 331 1.24 15.44 4.73
N GLY A 332 1.90 14.45 4.13
CA GLY A 332 2.11 13.17 4.79
C GLY A 332 3.56 12.75 4.79
N SER A 333 3.91 11.84 5.69
CA SER A 333 5.29 11.39 5.82
C SER A 333 5.78 10.88 4.48
N GLY A 334 7.02 11.20 4.14
CA GLY A 334 7.50 10.91 2.80
C GLY A 334 8.75 11.70 2.44
N LEU A 335 8.66 13.02 2.41
CA LEU A 335 7.43 13.79 2.53
C LEU A 335 6.70 13.87 1.21
N ASN A 336 5.37 13.93 1.29
CA ASN A 336 4.50 14.10 0.13
C ASN A 336 3.49 15.16 0.44
N CYS A 337 3.00 15.81 -0.61
CA CYS A 337 1.90 16.76 -0.47
C CYS A 337 0.96 16.58 -1.65
N SER A 338 -0.32 16.39 -1.35
CA SER A 338 -1.30 16.26 -2.41
C SER A 338 -2.40 17.28 -2.23
N MET A 339 -2.84 17.87 -3.34
CA MET A 339 -3.98 18.79 -3.32
C MET A 339 -4.95 18.40 -4.42
N ALA A 340 -6.21 18.16 -4.03
CA ALA A 340 -7.24 17.73 -4.97
C ALA A 340 -8.53 18.48 -4.71
N GLU A 341 -9.45 18.45 -5.68
CA GLU A 341 -10.67 19.21 -5.54
C GLU A 341 -11.91 18.33 -5.68
N VAL A 342 -12.91 18.65 -4.86
CA VAL A 342 -14.24 18.05 -4.96
C VAL A 342 -15.22 19.18 -5.21
N VAL A 343 -16.13 19.00 -6.15
CA VAL A 343 -17.21 19.96 -6.33
C VAL A 343 -18.51 19.31 -5.85
N TRP A 344 -19.06 19.86 -4.78
CA TRP A 344 -20.21 19.25 -4.17
C TRP A 344 -21.40 19.34 -5.12
N MET B 7 -11.13 -2.34 -23.76
CA MET B 7 -9.94 -1.92 -24.49
C MET B 7 -8.68 -2.18 -23.67
N LEU B 8 -7.68 -2.79 -24.29
CA LEU B 8 -6.41 -3.04 -23.61
C LEU B 8 -5.54 -1.80 -23.69
N PHE B 9 -4.46 -1.75 -22.90
CA PHE B 9 -3.53 -0.62 -22.99
C PHE B 9 -2.83 -0.63 -24.35
N GLN B 10 -2.73 0.52 -24.99
CA GLN B 10 -2.18 0.61 -26.35
C GLN B 10 -0.80 1.27 -26.39
N ASN B 11 -0.45 1.99 -25.33
CA ASN B 11 0.75 2.82 -25.38
C ASN B 11 1.62 2.66 -24.13
N VAL B 12 1.60 1.46 -23.54
CA VAL B 12 2.39 1.21 -22.33
C VAL B 12 3.43 0.12 -22.60
N SER B 13 4.70 0.45 -22.33
CA SER B 13 5.81 -0.43 -22.64
C SER B 13 6.70 -0.70 -21.42
N ILE B 14 7.55 -1.70 -21.54
CA ILE B 14 8.52 -2.03 -20.51
C ILE B 14 9.88 -1.58 -21.01
N ALA B 15 10.40 -0.50 -20.41
CA ALA B 15 11.66 0.13 -20.82
C ALA B 15 12.90 -0.56 -20.25
N GLY B 16 12.76 -1.13 -19.06
CA GLY B 16 13.90 -1.75 -18.40
C GLY B 16 13.44 -2.71 -17.33
N LEU B 17 14.30 -3.67 -16.99
CA LEU B 17 13.95 -4.74 -16.08
C LEU B 17 15.25 -5.29 -15.47
N ALA B 18 15.22 -5.56 -14.17
CA ALA B 18 16.36 -6.18 -13.50
C ALA B 18 15.91 -6.96 -12.28
N HIS B 19 16.80 -7.82 -11.78
CA HIS B 19 16.55 -8.55 -10.54
C HIS B 19 17.87 -8.62 -9.79
N ILE B 20 17.79 -8.80 -8.48
CA ILE B 20 18.98 -9.02 -7.65
C ILE B 20 18.84 -10.36 -6.96
N ASP B 21 19.83 -11.25 -7.13
CA ASP B 21 19.89 -12.50 -6.37
C ASP B 21 20.58 -12.23 -5.05
N ALA B 22 20.00 -12.67 -3.93
CA ALA B 22 20.64 -12.49 -2.64
C ALA B 22 21.87 -13.40 -2.50
N PRO B 23 22.90 -12.91 -1.80
CA PRO B 23 24.24 -13.51 -1.79
C PRO B 23 24.45 -14.78 -0.93
N HIS B 24 23.69 -14.96 0.14
CA HIS B 24 23.94 -16.10 1.04
C HIS B 24 23.02 -17.28 0.78
N THR B 25 23.60 -18.47 0.67
CA THR B 25 22.82 -19.68 0.48
C THR B 25 22.54 -20.36 1.82
N LEU B 26 21.28 -20.69 2.05
CA LEU B 26 20.92 -21.56 3.14
C LEU B 26 20.27 -22.78 2.50
N THR B 27 20.92 -23.93 2.57
CA THR B 27 20.39 -25.11 1.91
C THR B 27 19.35 -25.76 2.81
N SER B 28 18.41 -26.48 2.21
CA SER B 28 17.37 -27.13 3.00
C SER B 28 17.97 -28.30 3.80
N LYS B 29 19.04 -28.88 3.29
CA LYS B 29 19.76 -29.91 4.04
C LYS B 29 20.32 -29.32 5.34
N GLU B 30 20.85 -28.11 5.26
CA GLU B 30 21.38 -27.42 6.44
C GLU B 30 20.24 -27.13 7.41
N ILE B 31 19.11 -26.65 6.90
CA ILE B 31 17.93 -26.40 7.73
C ILE B 31 17.46 -27.70 8.39
N ASN B 32 17.42 -28.77 7.60
CA ASN B 32 16.93 -30.05 8.09
C ASN B 32 17.71 -30.61 9.28
N GLU B 33 19.03 -30.44 9.25
CA GLU B 33 19.86 -30.93 10.34
C GLU B 33 19.43 -30.27 11.64
N ARG B 34 18.96 -29.04 11.54
CA ARG B 34 18.54 -28.30 12.73
C ARG B 34 17.14 -28.72 13.18
N LEU B 35 16.33 -29.16 12.22
CA LEU B 35 14.96 -29.56 12.54
C LEU B 35 14.81 -31.04 12.84
N GLN B 36 15.87 -31.83 12.65
CA GLN B 36 15.76 -33.27 12.76
C GLN B 36 15.16 -33.77 14.10
N PRO B 37 15.73 -33.32 15.24
CA PRO B 37 15.18 -33.72 16.53
C PRO B 37 13.67 -33.47 16.62
N THR B 38 13.19 -32.36 16.07
CA THR B 38 11.77 -32.05 16.18
C THR B 38 10.91 -32.93 15.27
N TYR B 39 11.41 -33.20 14.07
CA TYR B 39 10.78 -34.14 13.14
C TYR B 39 10.58 -35.48 13.83
N ASP B 40 11.66 -35.96 14.44
CA ASP B 40 11.66 -37.25 15.10
C ASP B 40 10.61 -37.27 16.21
N ARG B 41 10.66 -36.29 17.09
CA ARG B 41 9.70 -36.14 18.16
C ARG B 41 8.25 -36.29 17.69
N LEU B 42 7.92 -35.66 16.57
CA LEU B 42 6.54 -35.65 16.07
C LEU B 42 6.20 -36.88 15.22
N GLY B 43 7.21 -37.72 14.97
CA GLY B 43 7.03 -38.87 14.09
C GLY B 43 6.58 -38.44 12.70
N ILE B 44 7.40 -37.62 12.04
CA ILE B 44 7.09 -37.12 10.71
C ILE B 44 7.70 -37.98 9.59
N LYS B 45 9.03 -38.06 9.58
CA LYS B 45 9.77 -38.90 8.64
C LYS B 45 9.96 -38.29 7.24
N THR B 46 8.98 -37.50 6.79
CA THR B 46 9.05 -36.86 5.48
C THR B 46 9.91 -35.59 5.47
N ASP B 47 10.71 -35.43 4.42
CA ASP B 47 11.46 -34.19 4.16
C ASP B 47 10.56 -33.23 3.40
N VAL B 48 9.74 -32.49 4.13
CA VAL B 48 8.75 -31.59 3.52
C VAL B 48 9.37 -30.56 2.58
N LEU B 49 10.47 -29.96 2.98
CA LEU B 49 11.10 -28.91 2.21
C LEU B 49 11.71 -29.44 0.91
N GLY B 50 12.61 -30.41 1.04
CA GLY B 50 13.35 -30.93 -0.10
C GLY B 50 12.55 -31.86 -1.00
N ASP B 51 11.91 -32.85 -0.41
CA ASP B 51 11.23 -33.90 -1.16
C ASP B 51 9.80 -33.54 -1.58
N VAL B 52 9.05 -32.89 -0.69
CA VAL B 52 7.70 -32.47 -1.02
C VAL B 52 7.66 -31.12 -1.78
N ALA B 53 8.01 -30.03 -1.12
CA ALA B 53 7.90 -28.70 -1.72
C ALA B 53 8.86 -28.52 -2.89
N GLY B 54 9.95 -29.28 -2.87
CA GLY B 54 10.93 -29.21 -3.94
C GLY B 54 11.79 -27.96 -3.83
N ILE B 55 11.95 -27.46 -2.61
CA ILE B 55 12.82 -26.32 -2.35
C ILE B 55 14.09 -26.79 -1.66
N HIS B 56 15.23 -26.71 -2.36
CA HIS B 56 16.47 -27.30 -1.86
C HIS B 56 17.42 -26.25 -1.30
N ALA B 57 17.16 -24.99 -1.68
CA ALA B 57 17.92 -23.85 -1.16
C ALA B 57 17.10 -22.59 -1.25
N ARG B 58 17.48 -21.60 -0.46
CA ARG B 58 16.99 -20.24 -0.66
C ARG B 58 18.13 -19.28 -0.32
N ARG B 59 17.99 -18.02 -0.74
CA ARG B 59 19.04 -17.03 -0.52
C ARG B 59 18.66 -16.08 0.60
N LEU B 60 19.67 -15.57 1.30
CA LEU B 60 19.46 -14.58 2.34
C LEU B 60 20.38 -13.40 2.09
N TRP B 61 19.94 -12.21 2.50
CA TRP B 61 20.76 -11.00 2.43
C TRP B 61 21.78 -11.01 3.56
N ASP B 62 22.78 -10.13 3.45
CA ASP B 62 23.59 -9.76 4.61
C ASP B 62 22.66 -9.28 5.71
N GLN B 63 23.10 -9.42 6.95
CA GLN B 63 22.38 -8.87 8.09
C GLN B 63 22.12 -7.38 7.89
N ASP B 64 20.97 -6.91 8.35
CA ASP B 64 20.69 -5.47 8.31
C ASP B 64 20.43 -4.89 6.90
N VAL B 65 20.28 -5.75 5.89
CA VAL B 65 19.72 -5.28 4.62
C VAL B 65 18.22 -5.15 4.79
N GLN B 66 17.68 -3.96 4.53
CA GLN B 66 16.24 -3.75 4.62
C GLN B 66 15.61 -3.96 3.25
N ALA B 67 14.30 -4.15 3.21
CA ALA B 67 13.56 -4.24 1.97
C ALA B 67 13.88 -3.06 1.05
N SER B 68 13.81 -1.85 1.60
CA SER B 68 14.18 -0.65 0.84
C SER B 68 15.57 -0.75 0.22
N ASP B 69 16.54 -1.31 0.96
CA ASP B 69 17.88 -1.44 0.41
C ASP B 69 17.88 -2.35 -0.81
N ALA B 70 17.21 -3.49 -0.68
CA ALA B 70 17.19 -4.47 -1.76
C ALA B 70 16.44 -3.91 -2.97
N ALA B 71 15.32 -3.23 -2.71
CA ALA B 71 14.54 -2.63 -3.80
C ALA B 71 15.36 -1.56 -4.51
N THR B 72 16.19 -0.84 -3.74
CA THR B 72 17.01 0.22 -4.30
C THR B 72 18.06 -0.36 -5.25
N GLN B 73 18.68 -1.46 -4.84
CA GLN B 73 19.69 -2.12 -5.68
C GLN B 73 19.07 -2.53 -7.02
N ALA B 74 17.92 -3.18 -6.95
CA ALA B 74 17.20 -3.57 -8.15
C ALA B 74 16.85 -2.37 -9.03
N ALA B 75 16.28 -1.34 -8.43
CA ALA B 75 15.89 -0.13 -9.17
C ALA B 75 17.06 0.46 -9.97
N ARG B 76 18.22 0.55 -9.33
CA ARG B 76 19.39 1.13 -9.99
C ARG B 76 19.75 0.29 -11.22
N LYS B 77 19.63 -1.01 -11.09
CA LYS B 77 19.98 -1.91 -12.18
C LYS B 77 18.96 -1.78 -13.31
N ALA B 78 17.70 -1.59 -12.95
CA ALA B 78 16.63 -1.49 -13.93
C ALA B 78 16.77 -0.17 -14.71
N LEU B 79 17.18 0.89 -14.02
CA LEU B 79 17.39 2.19 -14.66
C LEU B 79 18.49 2.10 -15.72
N ILE B 80 19.57 1.42 -15.37
CA ILE B 80 20.66 1.18 -16.32
C ILE B 80 20.16 0.34 -17.49
N ASP B 81 19.35 -0.68 -17.22
CA ASP B 81 18.79 -1.48 -18.29
C ASP B 81 17.94 -0.64 -19.24
N ALA B 82 17.25 0.37 -18.69
CA ALA B 82 16.40 1.24 -19.49
C ALA B 82 17.20 2.40 -20.09
N ASN B 83 18.43 2.58 -19.63
CA ASN B 83 19.29 3.69 -20.05
CA ASN B 83 19.26 3.67 -20.11
C ASN B 83 18.64 5.05 -19.86
N ILE B 84 18.06 5.26 -18.68
CA ILE B 84 17.53 6.58 -18.32
C ILE B 84 18.02 7.00 -16.95
N GLY B 85 18.03 8.31 -16.70
CA GLY B 85 18.41 8.83 -15.40
C GLY B 85 17.20 8.87 -14.49
N ILE B 86 17.45 8.89 -13.19
CA ILE B 86 16.42 8.90 -12.16
C ILE B 86 15.47 10.09 -12.34
N GLU B 87 15.98 11.18 -12.91
CA GLU B 87 15.21 12.40 -13.07
C GLU B 87 14.01 12.20 -14.00
N LYS B 88 14.04 11.15 -14.82
CA LYS B 88 12.93 10.86 -15.72
C LYS B 88 11.74 10.15 -15.05
N ILE B 89 11.96 9.61 -13.86
CA ILE B 89 10.93 8.80 -13.19
C ILE B 89 9.85 9.69 -12.54
N GLY B 90 8.59 9.50 -12.95
CA GLY B 90 7.51 10.30 -12.38
C GLY B 90 6.66 9.58 -11.36
N LEU B 91 6.84 8.27 -11.27
CA LEU B 91 6.07 7.44 -10.33
C LEU B 91 6.97 6.31 -9.88
N LEU B 92 7.02 6.07 -8.57
CA LEU B 92 7.71 4.89 -8.05
C LEU B 92 6.76 4.18 -7.09
N ILE B 93 6.39 2.95 -7.45
CA ILE B 93 5.55 2.12 -6.59
C ILE B 93 6.36 0.96 -6.01
N ASN B 94 6.25 0.77 -4.70
CA ASN B 94 6.85 -0.38 -4.04
C ASN B 94 5.79 -1.42 -3.77
N THR B 95 6.04 -2.68 -4.12
CA THR B 95 4.98 -3.69 -4.05
C THR B 95 5.31 -4.86 -3.12
N SER B 96 6.36 -4.71 -2.32
CA SER B 96 6.88 -5.82 -1.53
C SER B 96 5.99 -6.17 -0.33
N VAL B 97 6.04 -7.43 0.07
CA VAL B 97 5.43 -7.86 1.32
C VAL B 97 6.27 -7.31 2.45
N SER B 98 7.59 -7.47 2.35
CA SER B 98 8.49 -6.93 3.37
C SER B 98 8.39 -5.42 3.32
N ARG B 99 8.35 -4.76 4.48
CA ARG B 99 8.30 -3.29 4.49
C ARG B 99 9.15 -2.76 5.64
N ASP B 100 9.82 -1.64 5.43
CA ASP B 100 10.67 -1.09 6.48
C ASP B 100 9.82 -0.68 7.69
N TYR B 101 8.75 0.07 7.44
CA TYR B 101 7.89 0.57 8.51
C TYR B 101 6.44 0.50 8.07
N LEU B 102 5.51 0.80 8.99
CA LEU B 102 4.12 1.01 8.57
C LEU B 102 4.03 2.38 7.90
N GLU B 103 4.82 3.32 8.42
CA GLU B 103 4.87 4.69 7.91
C GLU B 103 6.31 5.15 8.06
N PRO B 104 6.89 5.81 7.03
CA PRO B 104 6.32 6.15 5.73
C PRO B 104 6.35 4.93 4.80
N SER B 105 5.92 5.11 3.55
CA SER B 105 5.97 4.03 2.58
C SER B 105 7.42 3.62 2.34
N THR B 106 7.62 2.35 2.09
CA THR B 106 8.92 1.86 1.69
C THR B 106 9.32 2.53 0.37
N ALA B 107 8.32 2.85 -0.47
CA ALA B 107 8.57 3.56 -1.72
C ALA B 107 9.31 4.89 -1.52
N SER B 108 8.92 5.64 -0.50
CA SER B 108 9.53 6.96 -0.27
C SER B 108 10.99 6.81 0.13
N ILE B 109 11.29 5.77 0.88
CA ILE B 109 12.67 5.49 1.29
C ILE B 109 13.53 5.09 0.09
N VAL B 110 13.05 4.14 -0.72
CA VAL B 110 13.75 3.80 -1.97
C VAL B 110 13.95 5.07 -2.81
N SER B 111 12.92 5.92 -2.88
CA SER B 111 12.96 7.12 -3.71
CA SER B 111 13.00 7.10 -3.73
C SER B 111 13.99 8.13 -3.18
N GLY B 112 14.04 8.25 -1.86
CA GLY B 112 15.05 9.11 -1.26
C GLY B 112 16.45 8.56 -1.54
N ASN B 113 16.60 7.23 -1.51
CA ASN B 113 17.90 6.62 -1.84
C ASN B 113 18.31 6.93 -3.28
N LEU B 114 17.35 6.87 -4.19
CA LEU B 114 17.64 7.11 -5.60
C LEU B 114 17.81 8.60 -5.93
N GLY B 115 17.19 9.46 -5.13
CA GLY B 115 17.18 10.87 -5.44
C GLY B 115 16.18 11.26 -6.52
N VAL B 116 14.95 10.76 -6.44
CA VAL B 116 13.90 11.17 -7.38
C VAL B 116 13.59 12.66 -7.25
N SER B 117 12.98 13.23 -8.29
CA SER B 117 12.66 14.66 -8.32
C SER B 117 11.43 14.99 -7.48
N ASP B 118 11.19 16.28 -7.28
CA ASP B 118 10.03 16.71 -6.47
C ASP B 118 8.68 16.53 -7.18
N HIS B 119 8.71 16.12 -8.44
CA HIS B 119 7.50 15.77 -9.17
C HIS B 119 7.16 14.30 -8.99
N CYS B 120 8.06 13.54 -8.38
CA CYS B 120 7.88 12.08 -8.38
C CYS B 120 6.87 11.64 -7.33
N MET B 121 5.83 10.98 -7.80
CA MET B 121 4.76 10.44 -6.95
C MET B 121 5.16 9.06 -6.46
N THR B 122 5.03 8.78 -5.15
CA THR B 122 5.38 7.46 -4.65
C THR B 122 4.38 6.93 -3.62
N PHE B 123 4.31 5.61 -3.53
CA PHE B 123 3.49 4.90 -2.55
C PHE B 123 3.71 3.41 -2.64
N ASP B 124 3.25 2.68 -1.62
CA ASP B 124 3.35 1.22 -1.60
C ASP B 124 2.03 0.61 -2.01
N VAL B 125 2.10 -0.53 -2.69
CA VAL B 125 0.94 -1.39 -2.87
C VAL B 125 1.22 -2.72 -2.18
N ALA B 126 0.26 -3.22 -1.40
CA ALA B 126 0.41 -4.52 -0.76
C ALA B 126 -0.73 -5.43 -1.16
N ASN B 127 -0.38 -6.61 -1.66
CA ASN B 127 -1.37 -7.59 -2.08
C ASN B 127 -0.75 -8.97 -2.16
N ALA B 128 -0.08 -9.41 -1.09
CA ALA B 128 0.57 -10.72 -1.09
C ALA B 128 1.45 -10.87 -2.31
N CYS B 129 1.39 -12.02 -2.97
CA CYS B 129 2.32 -12.28 -4.07
CA CYS B 129 2.26 -12.37 -4.10
C CYS B 129 1.83 -11.74 -5.42
N LEU B 130 0.73 -11.00 -5.41
CA LEU B 130 0.20 -10.43 -6.65
C LEU B 130 0.57 -8.97 -6.89
N ALA B 131 1.07 -8.30 -5.85
CA ALA B 131 1.26 -6.84 -5.86
C ALA B 131 2.08 -6.26 -7.01
N PHE B 132 3.08 -6.98 -7.50
CA PHE B 132 3.88 -6.44 -8.60
C PHE B 132 3.02 -6.26 -9.84
N ILE B 133 2.20 -7.25 -10.12
CA ILE B 133 1.27 -7.18 -11.24
C ILE B 133 0.28 -6.03 -11.00
N ASN B 134 -0.23 -5.92 -9.77
CA ASN B 134 -1.08 -4.78 -9.42
C ASN B 134 -0.35 -3.45 -9.68
N GLY B 135 0.92 -3.37 -9.28
CA GLY B 135 1.69 -2.15 -9.42
C GLY B 135 1.89 -1.78 -10.89
N MET B 136 2.23 -2.78 -11.71
CA MET B 136 2.34 -2.59 -13.15
C MET B 136 1.05 -2.00 -13.74
N ASP B 137 -0.08 -2.47 -13.22
CA ASP B 137 -1.37 -2.07 -13.79
C ASP B 137 -1.71 -0.65 -13.39
N ILE B 138 -1.40 -0.33 -12.14
CA ILE B 138 -1.59 1.04 -11.64
C ILE B 138 -0.70 2.01 -12.41
N ALA B 139 0.57 1.65 -12.60
CA ALA B 139 1.49 2.47 -13.39
C ALA B 139 1.01 2.63 -14.83
N ALA B 140 0.60 1.52 -15.45
CA ALA B 140 0.11 1.57 -16.82
C ALA B 140 -1.02 2.58 -16.99
N ARG B 141 -1.94 2.62 -16.03
CA ARG B 141 -3.07 3.54 -16.13
C ARG B 141 -2.60 5.00 -16.13
N MET B 142 -1.60 5.31 -15.31
CA MET B 142 -1.05 6.68 -15.26
C MET B 142 -0.27 7.01 -16.52
N LEU B 143 0.53 6.06 -17.00
CA LEU B 143 1.27 6.28 -18.22
C LEU B 143 0.32 6.55 -19.38
N GLU B 144 -0.70 5.70 -19.51
CA GLU B 144 -1.69 5.78 -20.59
C GLU B 144 -2.44 7.12 -20.61
N ARG B 145 -2.72 7.67 -19.43
CA ARG B 145 -3.40 8.96 -19.30
C ARG B 145 -2.45 10.12 -19.52
N GLY B 146 -1.16 9.84 -19.61
CA GLY B 146 -0.18 10.89 -19.88
C GLY B 146 0.23 11.63 -18.62
N GLU B 147 0.00 11.03 -17.46
CA GLU B 147 0.37 11.68 -16.21
C GLU B 147 1.87 11.66 -15.99
N ILE B 148 2.51 10.59 -16.47
CA ILE B 148 3.96 10.41 -16.32
C ILE B 148 4.49 9.79 -17.61
N ASP B 149 5.79 9.87 -17.83
CA ASP B 149 6.45 9.27 -18.98
C ASP B 149 7.12 7.96 -18.63
N TYR B 150 7.64 7.88 -17.41
CA TYR B 150 8.35 6.69 -16.92
C TYR B 150 7.93 6.38 -15.47
N ALA B 151 7.81 5.09 -15.16
CA ALA B 151 7.50 4.65 -13.80
C ALA B 151 8.50 3.58 -13.38
N LEU B 152 8.85 3.56 -12.09
CA LEU B 152 9.55 2.41 -11.50
C LEU B 152 8.56 1.62 -10.66
N VAL B 153 8.55 0.30 -10.83
CA VAL B 153 7.85 -0.58 -9.90
C VAL B 153 8.93 -1.45 -9.28
N VAL B 154 9.07 -1.41 -7.96
CA VAL B 154 10.21 -2.03 -7.31
C VAL B 154 9.70 -3.01 -6.25
N ASP B 155 10.52 -4.01 -5.91
CA ASP B 155 10.09 -4.99 -4.93
C ASP B 155 11.30 -5.69 -4.36
N GLY B 156 11.54 -5.45 -3.07
CA GLY B 156 12.63 -6.10 -2.36
C GLY B 156 12.07 -6.93 -1.22
N GLU B 157 12.44 -8.21 -1.17
CA GLU B 157 11.97 -9.11 -0.12
C GLU B 157 13.09 -9.58 0.80
N THR B 158 12.84 -9.50 2.11
CA THR B 158 13.77 -9.92 3.15
C THR B 158 13.12 -11.04 3.99
N ALA B 159 13.91 -12.04 4.36
CA ALA B 159 13.36 -13.15 5.14
C ALA B 159 14.30 -13.56 6.27
N ASN B 160 15.41 -12.84 6.40
CA ASN B 160 16.41 -13.19 7.40
C ASN B 160 15.80 -13.38 8.80
N LEU B 161 14.96 -12.44 9.22
CA LEU B 161 14.38 -12.48 10.55
C LEU B 161 13.45 -13.69 10.70
N VAL B 162 12.63 -13.91 9.67
CA VAL B 162 11.76 -15.07 9.61
C VAL B 162 12.48 -16.36 9.98
N TYR B 163 13.62 -16.61 9.35
CA TYR B 163 14.36 -17.85 9.61
C TYR B 163 14.81 -17.98 11.05
N GLU B 164 15.48 -16.94 11.55
CA GLU B 164 15.93 -16.92 12.94
C GLU B 164 14.78 -17.21 13.90
N LYS B 165 13.74 -16.37 13.84
CA LYS B 165 12.60 -16.50 14.73
C LYS B 165 11.92 -17.85 14.59
N THR B 166 11.60 -18.23 13.37
CA THR B 166 10.79 -19.42 13.11
C THR B 166 11.49 -20.70 13.52
N LEU B 167 12.77 -20.80 13.19
CA LEU B 167 13.53 -21.98 13.54
C LEU B 167 13.52 -22.19 15.06
N GLU B 168 13.84 -21.14 15.80
CA GLU B 168 13.81 -21.21 17.26
C GLU B 168 12.44 -21.65 17.75
N ARG B 169 11.39 -20.97 17.27
CA ARG B 169 10.03 -21.24 17.74
C ARG B 169 9.59 -22.67 17.46
N MET B 170 9.80 -23.14 16.23
CA MET B 170 9.28 -24.44 15.83
C MET B 170 10.00 -25.63 16.47
N THR B 171 11.18 -25.38 17.02
CA THR B 171 11.94 -26.45 17.69
C THR B 171 11.80 -26.37 19.21
N SER B 172 10.85 -25.58 19.68
CA SER B 172 10.60 -25.43 21.11
C SER B 172 9.62 -26.48 21.62
N PRO B 173 9.61 -26.72 22.95
CA PRO B 173 8.82 -27.86 23.43
C PRO B 173 7.33 -27.60 23.28
N ASP B 174 6.56 -28.68 23.15
CA ASP B 174 5.09 -28.58 23.09
C ASP B 174 4.49 -28.04 21.78
N VAL B 175 5.31 -27.65 20.80
CA VAL B 175 4.76 -27.24 19.52
CA VAL B 175 4.76 -27.25 19.52
C VAL B 175 4.07 -28.45 18.89
N THR B 176 2.85 -28.24 18.39
CA THR B 176 2.07 -29.31 17.80
C THR B 176 2.47 -29.61 16.35
N GLU B 177 2.06 -30.79 15.85
CA GLU B 177 2.27 -31.11 14.45
C GLU B 177 1.63 -30.02 13.58
N GLU B 178 0.44 -29.57 13.96
CA GLU B 178 -0.23 -28.49 13.25
C GLU B 178 0.63 -27.24 13.14
N GLU B 179 1.08 -26.70 14.27
CA GLU B 179 1.91 -25.49 14.25
C GLU B 179 3.18 -25.70 13.45
N PHE B 180 3.84 -26.84 13.68
CA PHE B 180 5.10 -27.16 13.03
C PHE B 180 4.95 -27.13 11.51
N ARG B 181 3.92 -27.78 11.00
CA ARG B 181 3.67 -27.78 9.56
C ARG B 181 3.38 -26.38 9.00
N ASN B 182 2.59 -25.59 9.74
CA ASN B 182 2.34 -24.22 9.32
C ASN B 182 3.65 -23.44 9.24
N GLU B 183 4.53 -23.68 10.21
CA GLU B 183 5.79 -22.95 10.27
C GLU B 183 6.80 -23.41 9.21
N LEU B 184 6.71 -24.68 8.84
CA LEU B 184 7.51 -25.18 7.73
C LEU B 184 7.30 -24.32 6.48
N ALA B 185 6.07 -23.85 6.28
CA ALA B 185 5.77 -23.02 5.14
C ALA B 185 6.67 -21.79 5.09
N ALA B 186 6.90 -21.18 6.25
CA ALA B 186 7.76 -20.00 6.35
C ALA B 186 9.21 -20.30 5.90
N LEU B 187 9.61 -21.56 6.03
CA LEU B 187 10.98 -21.95 5.68
C LEU B 187 11.11 -22.23 4.19
N THR B 188 10.10 -21.83 3.42
CA THR B 188 10.16 -21.89 1.96
C THR B 188 10.38 -20.50 1.36
N LEU B 189 10.41 -19.48 2.22
CA LEU B 189 10.55 -18.10 1.77
C LEU B 189 12.00 -17.77 1.43
N GLY B 190 12.19 -16.98 0.39
CA GLY B 190 13.55 -16.61 0.00
C GLY B 190 13.70 -15.12 -0.15
N CYS B 191 14.94 -14.63 -0.14
CA CYS B 191 15.22 -13.21 -0.34
C CYS B 191 15.51 -12.96 -1.80
N GLY B 192 15.23 -11.75 -2.25
CA GLY B 192 15.50 -11.36 -3.63
C GLY B 192 14.85 -10.03 -3.91
N ALA B 193 15.16 -9.43 -5.05
CA ALA B 193 14.58 -8.14 -5.42
C ALA B 193 14.40 -8.04 -6.92
N ALA B 194 13.45 -7.23 -7.36
CA ALA B 194 13.33 -6.90 -8.78
C ALA B 194 12.79 -5.50 -8.96
N ALA B 195 13.03 -4.93 -10.15
CA ALA B 195 12.48 -3.63 -10.50
C ALA B 195 12.22 -3.60 -11.99
N MET B 196 11.23 -2.82 -12.40
CA MET B 196 10.87 -2.68 -13.79
C MET B 196 10.68 -1.20 -14.07
N VAL B 197 11.24 -0.73 -15.17
CA VAL B 197 10.89 0.60 -15.64
C VAL B 197 9.83 0.45 -16.71
N MET B 198 8.67 1.08 -16.50
CA MET B 198 7.63 1.10 -17.54
C MET B 198 7.60 2.49 -18.17
N ALA B 199 7.18 2.61 -19.42
CA ALA B 199 7.22 3.90 -20.11
C ALA B 199 6.12 4.02 -21.16
N ARG B 200 5.84 5.25 -21.59
CA ARG B 200 4.93 5.47 -22.71
C ARG B 200 5.62 4.98 -23.99
N SER B 201 4.88 4.26 -24.83
CA SER B 201 5.52 3.51 -25.93
C SER B 201 6.23 4.38 -26.96
N GLU B 202 5.72 5.59 -27.19
CA GLU B 202 6.31 6.44 -28.22
C GLU B 202 7.72 6.87 -27.83
N LEU B 203 8.07 6.65 -26.57
CA LEU B 203 9.39 7.01 -26.07
C LEU B 203 10.38 5.86 -26.29
N VAL B 204 9.85 4.65 -26.45
CA VAL B 204 10.68 3.44 -26.49
C VAL B 204 10.15 2.47 -27.54
N PRO B 205 10.35 2.80 -28.81
CA PRO B 205 9.85 1.89 -29.85
C PRO B 205 10.62 0.57 -29.74
N ASP B 206 9.96 -0.54 -30.05
CA ASP B 206 10.63 -1.84 -30.01
C ASP B 206 10.76 -2.45 -28.60
N ALA B 207 10.44 -1.70 -27.55
CA ALA B 207 10.38 -2.26 -26.20
C ALA B 207 9.14 -3.17 -26.10
N PRO B 208 9.19 -4.19 -25.22
CA PRO B 208 7.99 -5.02 -25.02
C PRO B 208 6.79 -4.17 -24.59
N ARG B 209 5.59 -4.63 -24.92
CA ARG B 209 4.39 -3.88 -24.65
C ARG B 209 3.56 -4.60 -23.60
N TYR B 210 3.02 -3.82 -22.67
CA TYR B 210 2.16 -4.35 -21.62
C TYR B 210 0.71 -4.09 -22.00
N LYS B 211 -0.06 -5.15 -22.16
CA LYS B 211 -1.44 -5.03 -22.63
C LYS B 211 -2.44 -4.85 -21.51
N GLY B 212 -2.08 -5.30 -20.31
CA GLY B 212 -2.98 -5.26 -19.18
C GLY B 212 -3.53 -6.65 -18.93
N GLY B 213 -4.57 -6.75 -18.14
CA GLY B 213 -5.07 -8.08 -17.80
C GLY B 213 -6.38 -8.09 -17.06
N VAL B 214 -6.58 -9.17 -16.29
CA VAL B 214 -7.83 -9.40 -15.58
C VAL B 214 -7.56 -9.92 -14.18
N THR B 215 -8.47 -9.63 -13.27
CA THR B 215 -8.40 -10.10 -11.88
C THR B 215 -9.71 -10.76 -11.49
N ARG B 216 -9.61 -11.87 -10.76
CA ARG B 216 -10.77 -12.45 -10.11
C ARG B 216 -10.37 -12.73 -8.68
N SER B 217 -11.36 -12.77 -7.79
CA SER B 217 -11.08 -12.93 -6.38
C SER B 217 -11.98 -13.98 -5.73
N ALA B 218 -11.50 -14.54 -4.64
CA ALA B 218 -12.30 -15.45 -3.84
C ALA B 218 -12.03 -15.10 -2.39
N THR B 219 -12.45 -13.91 -1.97
CA THR B 219 -12.08 -13.41 -0.65
C THR B 219 -12.82 -14.13 0.48
N GLU B 220 -13.78 -14.99 0.12
CA GLU B 220 -14.45 -15.81 1.12
C GLU B 220 -13.47 -16.80 1.76
N TRP B 221 -12.42 -17.16 1.01
CA TRP B 221 -11.37 -18.03 1.50
C TRP B 221 -10.35 -17.22 2.28
N ASN B 222 -10.83 -16.51 3.28
CA ASN B 222 -10.00 -15.56 3.99
C ASN B 222 -10.03 -15.78 5.50
N THR B 236 -2.67 -24.54 3.38
CA THR B 236 -1.76 -24.51 2.24
C THR B 236 -2.09 -25.63 1.26
N ARG B 237 -2.87 -26.61 1.71
CA ARG B 237 -3.37 -27.67 0.84
C ARG B 237 -4.64 -27.19 0.18
N LEU B 238 -5.31 -26.23 0.83
CA LEU B 238 -6.54 -25.65 0.33
C LEU B 238 -6.19 -24.50 -0.61
N LEU B 239 -5.21 -23.70 -0.21
CA LEU B 239 -4.66 -22.66 -1.06
C LEU B 239 -4.47 -23.24 -2.45
N LEU B 240 -4.12 -24.52 -2.50
CA LEU B 240 -3.82 -25.18 -3.76
C LEU B 240 -5.05 -25.31 -4.64
N ILE B 241 -5.99 -26.14 -4.21
CA ILE B 241 -7.16 -26.45 -5.01
C ILE B 241 -8.01 -25.22 -5.29
N GLU B 242 -8.31 -24.45 -4.24
CA GLU B 242 -9.13 -23.26 -4.39
C GLU B 242 -8.45 -22.24 -5.30
N GLY B 243 -7.14 -22.09 -5.13
CA GLY B 243 -6.37 -21.20 -5.97
C GLY B 243 -6.51 -21.62 -7.43
N ILE B 244 -6.37 -22.91 -7.70
CA ILE B 244 -6.47 -23.42 -9.05
C ILE B 244 -7.88 -23.20 -9.63
N LYS B 245 -8.91 -23.41 -8.80
CA LYS B 245 -10.28 -23.11 -9.22
C LYS B 245 -10.43 -21.62 -9.58
N LEU B 246 -9.90 -20.76 -8.72
CA LEU B 246 -9.92 -19.33 -8.97
C LEU B 246 -9.19 -19.01 -10.27
N ALA B 247 -8.01 -19.60 -10.45
CA ALA B 247 -7.24 -19.41 -11.68
C ALA B 247 -8.03 -19.77 -12.92
N GLN B 248 -8.81 -20.85 -12.84
CA GLN B 248 -9.59 -21.26 -13.99
C GLN B 248 -10.61 -20.20 -14.36
N LYS B 249 -11.37 -19.76 -13.36
CA LYS B 249 -12.29 -18.64 -13.50
C LYS B 249 -11.61 -17.43 -14.14
N THR B 250 -10.42 -17.08 -13.66
CA THR B 250 -9.66 -15.94 -14.18
C THR B 250 -9.23 -16.17 -15.62
N PHE B 251 -8.85 -17.39 -15.95
CA PHE B 251 -8.41 -17.71 -17.30
C PHE B 251 -9.57 -17.59 -18.28
N VAL B 252 -10.75 -18.04 -17.88
CA VAL B 252 -11.96 -17.88 -18.68
C VAL B 252 -12.20 -16.42 -18.99
N ALA B 253 -12.08 -15.56 -17.99
CA ALA B 253 -12.21 -14.13 -18.18
C ALA B 253 -11.11 -13.62 -19.11
N ALA B 254 -9.90 -14.12 -18.91
CA ALA B 254 -8.77 -13.71 -19.72
C ALA B 254 -9.02 -14.03 -21.19
N LYS B 255 -9.56 -15.21 -21.46
CA LYS B 255 -9.88 -15.59 -22.83
C LYS B 255 -10.72 -14.51 -23.50
N GLN B 256 -11.62 -13.89 -22.74
CA GLN B 256 -12.55 -12.92 -23.31
C GLN B 256 -11.99 -11.49 -23.47
N VAL B 257 -11.08 -11.08 -22.60
CA VAL B 257 -10.51 -9.75 -22.75
C VAL B 257 -9.18 -9.77 -23.50
N LEU B 258 -8.44 -10.86 -23.37
CA LEU B 258 -7.09 -10.94 -23.94
C LEU B 258 -6.97 -11.81 -25.19
N GLY B 259 -8.03 -12.53 -25.53
CA GLY B 259 -7.96 -13.47 -26.65
C GLY B 259 -7.03 -14.62 -26.31
N TRP B 260 -7.00 -14.99 -25.03
CA TRP B 260 -6.10 -16.03 -24.56
C TRP B 260 -6.52 -17.44 -24.92
N ALA B 261 -5.58 -18.18 -25.49
CA ALA B 261 -5.69 -19.63 -25.56
C ALA B 261 -4.36 -20.16 -25.09
N VAL B 262 -4.37 -21.22 -24.30
CA VAL B 262 -3.14 -21.76 -23.73
C VAL B 262 -2.05 -21.98 -24.79
N GLU B 263 -2.43 -22.53 -25.93
CA GLU B 263 -1.44 -22.93 -26.92
C GLU B 263 -0.83 -21.76 -27.68
N GLU B 264 -1.40 -20.58 -27.49
CA GLU B 264 -0.91 -19.40 -28.19
C GLU B 264 0.03 -18.57 -27.32
N LEU B 265 0.22 -18.98 -26.06
CA LEU B 265 1.14 -18.27 -25.18
C LEU B 265 2.55 -18.91 -25.21
N ASP B 266 3.58 -18.07 -25.26
CA ASP B 266 4.94 -18.56 -25.41
C ASP B 266 5.64 -18.80 -24.07
N GLN B 267 5.25 -18.03 -23.05
CA GLN B 267 5.74 -18.22 -21.69
C GLN B 267 4.63 -17.98 -20.69
N PHE B 268 4.64 -18.74 -19.60
CA PHE B 268 3.85 -18.43 -18.42
C PHE B 268 4.80 -18.09 -17.27
N VAL B 269 4.74 -16.85 -16.82
CA VAL B 269 5.58 -16.41 -15.73
C VAL B 269 4.70 -16.39 -14.48
N ILE B 270 4.92 -17.37 -13.59
CA ILE B 270 3.96 -17.58 -12.52
C ILE B 270 4.53 -17.41 -11.11
N HIS B 271 3.62 -17.29 -10.15
CA HIS B 271 3.97 -17.30 -8.74
C HIS B 271 4.85 -18.50 -8.44
N GLN B 272 5.87 -18.30 -7.63
CA GLN B 272 6.84 -19.35 -7.34
C GLN B 272 6.64 -19.79 -5.89
N VAL B 273 5.92 -20.89 -5.71
CA VAL B 273 5.48 -21.34 -4.39
C VAL B 273 6.09 -22.70 -4.02
N SER B 274 5.89 -23.69 -4.89
CA SER B 274 6.38 -25.04 -4.62
C SER B 274 6.16 -25.94 -5.83
N ARG B 275 6.77 -27.12 -5.80
CA ARG B 275 6.59 -28.05 -6.90
C ARG B 275 5.12 -28.47 -7.06
N PRO B 276 4.46 -28.87 -5.97
CA PRO B 276 3.04 -29.25 -6.03
C PRO B 276 2.17 -28.13 -6.59
N HIS B 277 2.37 -26.89 -6.17
CA HIS B 277 1.63 -25.77 -6.74
C HIS B 277 1.86 -25.67 -8.24
N THR B 278 3.12 -25.80 -8.65
CA THR B 278 3.48 -25.64 -10.04
C THR B 278 2.91 -26.77 -10.90
N ALA B 279 3.08 -28.00 -10.43
CA ALA B 279 2.60 -29.15 -11.17
C ALA B 279 1.07 -29.13 -11.29
N ALA B 280 0.40 -28.70 -10.24
CA ALA B 280 -1.06 -28.58 -10.23
C ALA B 280 -1.53 -27.58 -11.28
N PHE B 281 -0.85 -26.44 -11.32
CA PHE B 281 -1.17 -25.42 -12.30
C PHE B 281 -0.98 -25.94 -13.73
N VAL B 282 0.20 -26.51 -13.99
CA VAL B 282 0.52 -27.02 -15.31
C VAL B 282 -0.48 -28.08 -15.79
N LYS B 283 -0.84 -29.00 -14.89
CA LYS B 283 -1.76 -30.07 -15.20
C LYS B 283 -3.17 -29.54 -15.45
N SER B 284 -3.61 -28.63 -14.60
CA SER B 284 -4.98 -28.13 -14.68
C SER B 284 -5.25 -27.41 -16.00
N PHE B 285 -4.23 -26.72 -16.52
CA PHE B 285 -4.41 -25.91 -17.72
C PHE B 285 -3.89 -26.62 -18.95
N GLY B 286 -3.30 -27.80 -18.77
CA GLY B 286 -2.68 -28.51 -19.87
C GLY B 286 -1.57 -27.71 -20.52
N ILE B 287 -0.73 -27.10 -19.71
CA ILE B 287 0.36 -26.27 -20.21
C ILE B 287 1.64 -27.09 -20.41
N ASP B 288 2.38 -26.79 -21.47
CA ASP B 288 3.68 -27.41 -21.66
C ASP B 288 4.63 -26.90 -20.56
N PRO B 289 5.14 -27.80 -19.72
CA PRO B 289 5.99 -27.38 -18.59
C PRO B 289 7.25 -26.64 -19.04
N ALA B 290 7.69 -26.89 -20.28
CA ALA B 290 8.84 -26.19 -20.83
C ALA B 290 8.60 -24.69 -20.91
N LYS B 291 7.32 -24.28 -20.88
CA LYS B 291 6.99 -22.86 -20.98
C LYS B 291 6.82 -22.23 -19.61
N VAL B 292 7.15 -22.97 -18.56
CA VAL B 292 6.98 -22.47 -17.22
C VAL B 292 8.30 -22.52 -16.44
N MET B 293 9.13 -21.48 -16.54
CA MET B 293 10.36 -21.45 -15.78
CA MET B 293 10.37 -21.44 -15.77
C MET B 293 10.08 -21.37 -14.27
N THR B 294 10.83 -22.14 -13.49
CA THR B 294 10.71 -22.09 -12.03
C THR B 294 12.06 -21.83 -11.39
N ILE B 295 12.06 -21.12 -10.27
CA ILE B 295 13.30 -20.81 -9.56
C ILE B 295 13.24 -21.12 -8.06
N PHE B 296 12.11 -21.65 -7.58
CA PHE B 296 11.98 -21.91 -6.14
C PHE B 296 12.89 -23.05 -5.68
N GLY B 297 13.33 -23.87 -6.61
CA GLY B 297 14.25 -24.95 -6.27
C GLY B 297 15.50 -24.42 -5.59
N GLU B 298 16.01 -23.30 -6.08
CA GLU B 298 17.22 -22.75 -5.46
CA GLU B 298 17.25 -22.67 -5.60
C GLU B 298 16.99 -21.41 -4.77
N HIS B 299 15.83 -20.81 -4.99
CA HIS B 299 15.55 -19.51 -4.38
C HIS B 299 14.37 -19.46 -3.43
N GLY B 300 13.64 -20.57 -3.34
CA GLY B 300 12.39 -20.60 -2.61
C GLY B 300 11.34 -19.64 -3.18
N ASN B 301 10.40 -19.26 -2.33
CA ASN B 301 9.26 -18.41 -2.66
C ASN B 301 9.61 -16.96 -2.37
N ILE B 302 9.72 -16.14 -3.40
CA ILE B 302 10.14 -14.75 -3.23
C ILE B 302 8.94 -13.80 -3.23
N GLY B 303 7.75 -14.33 -2.95
CA GLY B 303 6.58 -13.49 -2.81
C GLY B 303 6.27 -12.75 -4.09
N PRO B 304 5.84 -11.47 -3.99
CA PRO B 304 5.40 -10.74 -5.18
C PRO B 304 6.56 -10.38 -6.13
N ALA B 305 7.79 -10.51 -5.65
CA ALA B 305 8.95 -10.32 -6.52
C ALA B 305 9.20 -11.52 -7.44
N SER B 306 8.60 -12.66 -7.13
CA SER B 306 8.89 -13.87 -7.92
C SER B 306 8.62 -13.69 -9.41
N VAL B 307 7.47 -13.11 -9.75
CA VAL B 307 7.11 -12.97 -11.16
C VAL B 307 8.12 -12.10 -11.95
N PRO B 308 8.40 -10.88 -11.47
CA PRO B 308 9.36 -10.05 -12.21
C PRO B 308 10.79 -10.60 -12.20
N ILE B 309 11.18 -11.28 -11.13
CA ILE B 309 12.49 -11.96 -11.13
C ILE B 309 12.57 -13.01 -12.25
N VAL B 310 11.53 -13.83 -12.36
CA VAL B 310 11.50 -14.85 -13.43
C VAL B 310 11.49 -14.20 -14.81
N LEU B 311 10.69 -13.16 -14.99
CA LEU B 311 10.69 -12.45 -16.25
C LEU B 311 12.07 -11.88 -16.59
N SER B 312 12.73 -11.29 -15.60
CA SER B 312 14.06 -10.74 -15.79
C SER B 312 15.09 -11.82 -16.12
N LYS B 313 14.98 -12.97 -15.47
CA LYS B 313 15.88 -14.09 -15.78
C LYS B 313 15.65 -14.61 -17.20
N LEU B 314 14.41 -14.71 -17.63
CA LEU B 314 14.11 -15.13 -19.00
C LEU B 314 14.76 -14.15 -19.99
N LYS B 315 14.55 -12.87 -19.77
CA LYS B 315 15.19 -11.85 -20.59
C LYS B 315 16.71 -12.03 -20.60
N GLU B 316 17.31 -12.05 -19.43
CA GLU B 316 18.77 -12.09 -19.35
CA GLU B 316 18.76 -12.14 -19.26
C GLU B 316 19.33 -13.36 -19.99
N LEU B 317 18.54 -14.44 -19.99
CA LEU B 317 19.00 -15.69 -20.58
C LEU B 317 18.76 -15.81 -22.10
N GLY B 318 18.16 -14.80 -22.72
CA GLY B 318 17.91 -14.82 -24.15
C GLY B 318 16.76 -15.74 -24.56
N ARG B 319 15.87 -16.02 -23.62
CA ARG B 319 14.76 -16.91 -23.90
CA ARG B 319 14.74 -16.91 -23.88
C ARG B 319 13.59 -16.19 -24.57
N LEU B 320 13.60 -14.86 -24.50
CA LEU B 320 12.47 -14.09 -24.99
C LEU B 320 12.75 -13.49 -26.36
N LYS B 321 11.85 -13.73 -27.30
CA LYS B 321 12.01 -13.22 -28.66
C LYS B 321 10.90 -12.24 -29.03
N LYS B 322 11.25 -11.30 -29.89
CA LYS B 322 10.30 -10.33 -30.42
C LYS B 322 9.01 -11.01 -30.83
N GLY B 323 7.88 -10.54 -30.32
CA GLY B 323 6.61 -11.13 -30.69
C GLY B 323 6.14 -12.25 -29.78
N ASP B 324 7.02 -12.71 -28.88
CA ASP B 324 6.60 -13.71 -27.89
C ASP B 324 5.43 -13.18 -27.10
N ARG B 325 4.40 -13.99 -26.91
CA ARG B 325 3.28 -13.61 -26.06
C ARG B 325 3.47 -14.19 -24.67
N ILE B 326 3.54 -13.31 -23.68
CA ILE B 326 3.93 -13.70 -22.34
C ILE B 326 2.80 -13.47 -21.34
N ALA B 327 2.39 -14.54 -20.66
CA ALA B 327 1.40 -14.43 -19.60
C ALA B 327 2.10 -14.24 -18.25
N LEU B 328 1.79 -13.13 -17.58
CA LEU B 328 2.22 -12.92 -16.21
C LEU B 328 1.02 -13.26 -15.38
N LEU B 329 1.19 -14.16 -14.41
CA LEU B 329 0.06 -14.52 -13.58
C LEU B 329 0.47 -14.96 -12.19
N GLY B 330 -0.43 -14.76 -11.24
CA GLY B 330 -0.21 -15.21 -9.90
C GLY B 330 -1.48 -15.61 -9.20
N ILE B 331 -1.35 -16.56 -8.29
CA ILE B 331 -2.43 -16.89 -7.36
C ILE B 331 -1.96 -16.45 -5.98
N GLY B 332 -2.62 -15.45 -5.41
CA GLY B 332 -2.16 -14.86 -4.17
C GLY B 332 -3.12 -15.03 -3.00
N SER B 333 -2.60 -14.84 -1.79
CA SER B 333 -3.43 -14.85 -0.60
C SER B 333 -4.53 -13.82 -0.73
N GLY B 334 -5.73 -14.17 -0.28
CA GLY B 334 -6.87 -13.30 -0.47
C GLY B 334 -8.21 -14.01 -0.39
N LEU B 335 -8.47 -14.96 -1.30
CA LEU B 335 -7.61 -15.31 -2.42
C LEU B 335 -7.83 -14.39 -3.62
N ASN B 336 -6.74 -14.08 -4.32
CA ASN B 336 -6.84 -13.32 -5.55
C ASN B 336 -6.10 -13.99 -6.67
N CYS B 337 -6.46 -13.65 -7.90
CA CYS B 337 -5.75 -14.13 -9.08
C CYS B 337 -5.76 -13.06 -10.15
N SER B 338 -4.58 -12.72 -10.65
CA SER B 338 -4.44 -11.71 -11.69
C SER B 338 -3.59 -12.27 -12.82
N MET B 339 -3.98 -11.96 -14.05
CA MET B 339 -3.26 -12.42 -15.23
C MET B 339 -3.13 -11.23 -16.15
N ALA B 340 -1.97 -11.10 -16.77
CA ALA B 340 -1.74 -10.01 -17.69
C ALA B 340 -0.90 -10.51 -18.86
N GLU B 341 -0.90 -9.75 -19.95
CA GLU B 341 -0.11 -10.13 -21.12
C GLU B 341 0.95 -9.10 -21.46
N VAL B 342 2.15 -9.59 -21.75
CA VAL B 342 3.21 -8.78 -22.30
C VAL B 342 3.53 -9.38 -23.66
N VAL B 343 3.65 -8.52 -24.67
CA VAL B 343 4.11 -8.95 -25.98
C VAL B 343 5.50 -8.40 -26.16
N TRP B 344 6.48 -9.30 -26.24
CA TRP B 344 7.87 -8.91 -26.22
C TRP B 344 8.26 -8.16 -27.49
#